data_6RXN
# 
_entry.id   6RXN 
# 
_audit_conform.dict_name       mmcif_pdbx.dic 
_audit_conform.dict_version    5.403 
_audit_conform.dict_location   http://mmcif.pdb.org/dictionaries/ascii/mmcif_pdbx.dic 
# 
loop_
_database_2.database_id 
_database_2.database_code 
_database_2.pdbx_database_accession 
_database_2.pdbx_DOI 
PDB   6RXN         pdb_00006rxn 10.2210/pdb6rxn/pdb 
WWPDB D_1000179865 ?            ?                   
# 
loop_
_pdbx_audit_revision_history.ordinal 
_pdbx_audit_revision_history.data_content_type 
_pdbx_audit_revision_history.major_revision 
_pdbx_audit_revision_history.minor_revision 
_pdbx_audit_revision_history.revision_date 
_pdbx_audit_revision_history.part_number 
1 'Structure model' 1 0 1991-01-15 ? 
2 'Structure model' 1 1 2008-03-25 ? 
3 'Structure model' 1 2 2011-07-13 ? 
4 'Structure model' 1 3 2017-11-29 ? 
5 'Structure model' 1 4 2025-03-26 ? 
# 
_pdbx_audit_revision_details.ordinal             1 
_pdbx_audit_revision_details.revision_ordinal    1 
_pdbx_audit_revision_details.data_content_type   'Structure model' 
_pdbx_audit_revision_details.provider            repository 
_pdbx_audit_revision_details.type                'Initial release' 
_pdbx_audit_revision_details.description         ? 
_pdbx_audit_revision_details.details             ? 
# 
loop_
_pdbx_audit_revision_group.ordinal 
_pdbx_audit_revision_group.revision_ordinal 
_pdbx_audit_revision_group.data_content_type 
_pdbx_audit_revision_group.group 
1 2 'Structure model' 'Version format compliance' 
2 3 'Structure model' 'Version format compliance' 
3 4 'Structure model' 'Derived calculations'      
4 4 'Structure model' Other                       
5 5 'Structure model' 'Data collection'           
6 5 'Structure model' 'Database references'       
7 5 'Structure model' 'Derived calculations'      
8 5 'Structure model' 'Structure summary'         
# 
loop_
_pdbx_audit_revision_category.ordinal 
_pdbx_audit_revision_category.revision_ordinal 
_pdbx_audit_revision_category.data_content_type 
_pdbx_audit_revision_category.category 
1  4 'Structure model' pdbx_database_status      
2  4 'Structure model' struct_conf               
3  4 'Structure model' struct_conf_type          
4  5 'Structure model' chem_comp_atom            
5  5 'Structure model' chem_comp_bond            
6  5 'Structure model' database_2                
7  5 'Structure model' pdbx_entry_details        
8  5 'Structure model' pdbx_modification_feature 
9  5 'Structure model' pdbx_struct_conn_angle    
10 5 'Structure model' struct_conn               
11 5 'Structure model' struct_site               
# 
loop_
_pdbx_audit_revision_item.ordinal 
_pdbx_audit_revision_item.revision_ordinal 
_pdbx_audit_revision_item.data_content_type 
_pdbx_audit_revision_item.item 
1  4 'Structure model' '_pdbx_database_status.process_site'         
2  5 'Structure model' '_database_2.pdbx_DOI'                       
3  5 'Structure model' '_database_2.pdbx_database_accession'        
4  5 'Structure model' '_pdbx_struct_conn_angle.ptnr1_auth_seq_id'  
5  5 'Structure model' '_pdbx_struct_conn_angle.ptnr1_label_seq_id' 
6  5 'Structure model' '_pdbx_struct_conn_angle.ptnr3_auth_seq_id'  
7  5 'Structure model' '_pdbx_struct_conn_angle.ptnr3_label_seq_id' 
8  5 'Structure model' '_pdbx_struct_conn_angle.value'              
9  5 'Structure model' '_struct_conn.pdbx_dist_value'               
10 5 'Structure model' '_struct_conn.pdbx_leaving_atom_flag'        
11 5 'Structure model' '_struct_conn.ptnr1_auth_comp_id'            
12 5 'Structure model' '_struct_conn.ptnr1_auth_seq_id'             
13 5 'Structure model' '_struct_conn.ptnr1_label_asym_id'           
14 5 'Structure model' '_struct_conn.ptnr1_label_atom_id'           
15 5 'Structure model' '_struct_conn.ptnr1_label_comp_id'           
16 5 'Structure model' '_struct_conn.ptnr1_label_seq_id'            
17 5 'Structure model' '_struct_conn.ptnr2_auth_comp_id'            
18 5 'Structure model' '_struct_conn.ptnr2_auth_seq_id'             
19 5 'Structure model' '_struct_conn.ptnr2_label_asym_id'           
20 5 'Structure model' '_struct_conn.ptnr2_label_atom_id'           
21 5 'Structure model' '_struct_conn.ptnr2_label_comp_id'           
22 5 'Structure model' '_struct_conn.ptnr2_label_seq_id'            
23 5 'Structure model' '_struct_site.pdbx_auth_asym_id'             
24 5 'Structure model' '_struct_site.pdbx_auth_comp_id'             
25 5 'Structure model' '_struct_site.pdbx_auth_seq_id'              
# 
_pdbx_database_status.status_code                     REL 
_pdbx_database_status.entry_id                        6RXN 
_pdbx_database_status.recvd_initial_deposition_date   1990-01-16 
_pdbx_database_status.deposit_site                    ? 
_pdbx_database_status.process_site                    BNL 
_pdbx_database_status.status_code_sf                  REL 
_pdbx_database_status.status_code_mr                  ? 
_pdbx_database_status.SG_entry                        ? 
_pdbx_database_status.pdb_format_compatible           Y 
_pdbx_database_status.status_code_cs                  ? 
_pdbx_database_status.methods_development_category    ? 
_pdbx_database_status.status_code_nmr_data            ? 
# 
loop_
_audit_author.name 
_audit_author.pdbx_ordinal 
'Stenkamp, R.E.' 1 
'Sieker, L.C.'   2 
'Jensen, L.H.'   3 
# 
loop_
_citation.id 
_citation.title 
_citation.journal_abbrev 
_citation.journal_volume 
_citation.page_first 
_citation.page_last 
_citation.year 
_citation.journal_id_ASTM 
_citation.country 
_citation.journal_id_ISSN 
_citation.journal_id_CSD 
_citation.book_publisher 
_citation.pdbx_database_id_PubMed 
_citation.pdbx_database_id_DOI 
primary 'The structure of rubredoxin from Desulfovibrio desulfuricans strain 27774 at 1.5 A resolution.'   Proteins     8   352 
364 1990 PSFGEY US 0887-3585 0867 ? 2091025 10.1002/prot.340080409 
1       'Structure of Rubredoxin from the Bacterium Desulfovibrio Desulfuricans'                           'FEBS Lett.' 208 73  ? 
1986 FEBLAL NE 0014-5793 0165 ? ?       ?                      
2       'Crystallographic Study of Rubredoxin from the Bacterium Desulfovibrio Desulfuricans Strain 27774' J.Mol.Biol.  171 101 ? 
1983 JMOBAK UK 0022-2836 0070 ? ?       ?                      
# 
loop_
_citation_author.citation_id 
_citation_author.name 
_citation_author.ordinal 
_citation_author.identifier_ORCID 
primary 'Stenkamp, R.E.' 1  ? 
primary 'Sieker, L.C.'   2  ? 
primary 'Jensen, L.H.'   3  ? 
1       'Sieker, L.C.'   4  ? 
1       'Stenkamp, R.E.' 5  ? 
1       'Jensen, L.H.'   6  ? 
1       'Prickril, B.'   7  ? 
1       'Legall, J.'     8  ? 
2       'Sieker, L.C.'   9  ? 
2       'Jensen, L.H.'   10 ? 
2       'Pickril, B.C.'  11 ? 
2       'Legall, J.'     12 ? 
# 
loop_
_entity.id 
_entity.type 
_entity.src_method 
_entity.pdbx_description 
_entity.formula_weight 
_entity.pdbx_number_of_molecules 
_entity.pdbx_ec 
_entity.pdbx_mutation 
_entity.pdbx_fragment 
_entity.details 
1 polymer     man RUBREDOXIN     5129.667 1   ? ? ? ? 
2 non-polymer syn 'FE (III) ION' 55.845   1   ? ? ? ? 
3 water       nat water          18.015   121 ? ? ? ? 
# 
_entity_poly.entity_id                      1 
_entity_poly.type                           'polypeptide(L)' 
_entity_poly.nstd_linkage                   no 
_entity_poly.nstd_monomer                   yes 
_entity_poly.pdbx_seq_one_letter_code       '(FOR)MQKYVCNVCGYEYDPAEHDNVPFDQLPDDWCCPVCGVSKDQFSPA' 
_entity_poly.pdbx_seq_one_letter_code_can   XMQKYVCNVCGYEYDPAEHDNVPFDQLPDDWCCPVCGVSKDQFSPA 
_entity_poly.pdbx_strand_id                 A 
_entity_poly.pdbx_target_identifier         ? 
# 
loop_
_pdbx_entity_nonpoly.entity_id 
_pdbx_entity_nonpoly.name 
_pdbx_entity_nonpoly.comp_id 
2 'FE (III) ION' FE  
3 water          HOH 
# 
loop_
_entity_poly_seq.entity_id 
_entity_poly_seq.num 
_entity_poly_seq.mon_id 
_entity_poly_seq.hetero 
1 1  FOR n 
1 2  MET n 
1 3  GLN n 
1 4  LYS n 
1 5  TYR n 
1 6  VAL n 
1 7  CYS n 
1 8  ASN n 
1 9  VAL n 
1 10 CYS n 
1 11 GLY n 
1 12 TYR n 
1 13 GLU n 
1 14 TYR n 
1 15 ASP n 
1 16 PRO n 
1 17 ALA n 
1 18 GLU n 
1 19 HIS n 
1 20 ASP n 
1 21 ASN n 
1 22 VAL n 
1 23 PRO n 
1 24 PHE n 
1 25 ASP n 
1 26 GLN n 
1 27 LEU n 
1 28 PRO n 
1 29 ASP n 
1 30 ASP n 
1 31 TRP n 
1 32 CYS n 
1 33 CYS n 
1 34 PRO n 
1 35 VAL n 
1 36 CYS n 
1 37 GLY n 
1 38 VAL n 
1 39 SER n 
1 40 LYS n 
1 41 ASP n 
1 42 GLN n 
1 43 PHE n 
1 44 SER n 
1 45 PRO n 
1 46 ALA n 
# 
_entity_src_gen.entity_id                          1 
_entity_src_gen.pdbx_src_id                        1 
_entity_src_gen.pdbx_alt_source_flag               sample 
_entity_src_gen.pdbx_seq_type                      ? 
_entity_src_gen.pdbx_beg_seq_num                   ? 
_entity_src_gen.pdbx_end_seq_num                   ? 
_entity_src_gen.gene_src_common_name               ? 
_entity_src_gen.gene_src_genus                     Desulfovibrio 
_entity_src_gen.pdbx_gene_src_gene                 ? 
_entity_src_gen.gene_src_species                   ? 
_entity_src_gen.gene_src_strain                    ? 
_entity_src_gen.gene_src_tissue                    ? 
_entity_src_gen.gene_src_tissue_fraction           ? 
_entity_src_gen.gene_src_details                   ? 
_entity_src_gen.pdbx_gene_src_fragment             ? 
_entity_src_gen.pdbx_gene_src_scientific_name      'Desulfovibrio desulfuricans' 
_entity_src_gen.pdbx_gene_src_ncbi_taxonomy_id     876 
_entity_src_gen.pdbx_gene_src_variant              ? 
_entity_src_gen.pdbx_gene_src_cell_line            ? 
_entity_src_gen.pdbx_gene_src_atcc                 ? 
_entity_src_gen.pdbx_gene_src_organ                ? 
_entity_src_gen.pdbx_gene_src_organelle            ? 
_entity_src_gen.pdbx_gene_src_cell                 ? 
_entity_src_gen.pdbx_gene_src_cellular_location    ? 
_entity_src_gen.host_org_common_name               ? 
_entity_src_gen.pdbx_host_org_scientific_name      ? 
_entity_src_gen.pdbx_host_org_ncbi_taxonomy_id     ? 
_entity_src_gen.host_org_genus                     ? 
_entity_src_gen.pdbx_host_org_gene                 ? 
_entity_src_gen.pdbx_host_org_organ                ? 
_entity_src_gen.host_org_species                   ? 
_entity_src_gen.pdbx_host_org_tissue               ? 
_entity_src_gen.pdbx_host_org_tissue_fraction      ? 
_entity_src_gen.pdbx_host_org_strain               ? 
_entity_src_gen.pdbx_host_org_variant              ? 
_entity_src_gen.pdbx_host_org_cell_line            ? 
_entity_src_gen.pdbx_host_org_atcc                 ? 
_entity_src_gen.pdbx_host_org_culture_collection   ? 
_entity_src_gen.pdbx_host_org_cell                 ? 
_entity_src_gen.pdbx_host_org_organelle            ? 
_entity_src_gen.pdbx_host_org_cellular_location    ? 
_entity_src_gen.pdbx_host_org_vector_type          ? 
_entity_src_gen.pdbx_host_org_vector               ? 
_entity_src_gen.host_org_details                   ? 
_entity_src_gen.expression_system_id               ? 
_entity_src_gen.plasmid_name                       ? 
_entity_src_gen.plasmid_details                    ? 
_entity_src_gen.pdbx_description                   ? 
# 
loop_
_chem_comp.id 
_chem_comp.type 
_chem_comp.mon_nstd_flag 
_chem_comp.name 
_chem_comp.pdbx_synonyms 
_chem_comp.formula 
_chem_comp.formula_weight 
ALA 'L-peptide linking' y ALANINE         ? 'C3 H7 N O2'     89.093  
ASN 'L-peptide linking' y ASPARAGINE      ? 'C4 H8 N2 O3'    132.118 
ASP 'L-peptide linking' y 'ASPARTIC ACID' ? 'C4 H7 N O4'     133.103 
CYS 'L-peptide linking' y CYSTEINE        ? 'C3 H7 N O2 S'   121.158 
FE  non-polymer         . 'FE (III) ION'  ? 'Fe 3'           55.845  
FOR non-polymer         . 'FORMYL GROUP'  ? 'C H2 O'         30.026  
GLN 'L-peptide linking' y GLUTAMINE       ? 'C5 H10 N2 O3'   146.144 
GLU 'L-peptide linking' y 'GLUTAMIC ACID' ? 'C5 H9 N O4'     147.129 
GLY 'peptide linking'   y GLYCINE         ? 'C2 H5 N O2'     75.067  
HIS 'L-peptide linking' y HISTIDINE       ? 'C6 H10 N3 O2 1' 156.162 
HOH non-polymer         . WATER           ? 'H2 O'           18.015  
LEU 'L-peptide linking' y LEUCINE         ? 'C6 H13 N O2'    131.173 
LYS 'L-peptide linking' y LYSINE          ? 'C6 H15 N2 O2 1' 147.195 
MET 'L-peptide linking' y METHIONINE      ? 'C5 H11 N O2 S'  149.211 
PHE 'L-peptide linking' y PHENYLALANINE   ? 'C9 H11 N O2'    165.189 
PRO 'L-peptide linking' y PROLINE         ? 'C5 H9 N O2'     115.130 
SER 'L-peptide linking' y SERINE          ? 'C3 H7 N O3'     105.093 
TRP 'L-peptide linking' y TRYPTOPHAN      ? 'C11 H12 N2 O2'  204.225 
TYR 'L-peptide linking' y TYROSINE        ? 'C9 H11 N O3'    181.189 
VAL 'L-peptide linking' y VALINE          ? 'C5 H11 N O2'    117.146 
# 
loop_
_pdbx_poly_seq_scheme.asym_id 
_pdbx_poly_seq_scheme.entity_id 
_pdbx_poly_seq_scheme.seq_id 
_pdbx_poly_seq_scheme.mon_id 
_pdbx_poly_seq_scheme.ndb_seq_num 
_pdbx_poly_seq_scheme.pdb_seq_num 
_pdbx_poly_seq_scheme.auth_seq_num 
_pdbx_poly_seq_scheme.pdb_mon_id 
_pdbx_poly_seq_scheme.auth_mon_id 
_pdbx_poly_seq_scheme.pdb_strand_id 
_pdbx_poly_seq_scheme.pdb_ins_code 
_pdbx_poly_seq_scheme.hetero 
A 1 1  FOR 1  0  0  FOR FOR A . n 
A 1 2  MET 2  1  1  MET MET A . n 
A 1 3  GLN 3  2  2  GLN GLN A . n 
A 1 4  LYS 4  3  3  LYS LYS A . n 
A 1 5  TYR 5  4  4  TYR TYR A . n 
A 1 6  VAL 6  5  5  VAL VAL A . n 
A 1 7  CYS 7  6  6  CYS CYS A . n 
A 1 8  ASN 8  7  7  ASN ASN A . n 
A 1 9  VAL 9  8  8  VAL VAL A . n 
A 1 10 CYS 10 9  9  CYS CYS A . n 
A 1 11 GLY 11 10 10 GLY GLY A . n 
A 1 12 TYR 12 11 11 TYR TYR A . n 
A 1 13 GLU 13 12 12 GLU GLU A . n 
A 1 14 TYR 14 13 13 TYR TYR A . n 
A 1 15 ASP 15 14 14 ASP ASP A . n 
A 1 16 PRO 16 15 15 PRO PRO A . n 
A 1 17 ALA 17 16 16 ALA ALA A . n 
A 1 18 GLU 18 17 17 GLU GLU A . n 
A 1 19 HIS 19 18 18 HIS HIS A . n 
A 1 20 ASP 20 26 26 ASP ASP A . n 
A 1 21 ASN 21 27 27 ASN ASN A . n 
A 1 22 VAL 22 28 28 VAL VAL A . n 
A 1 23 PRO 23 29 29 PRO PRO A . n 
A 1 24 PHE 24 30 30 PHE PHE A . n 
A 1 25 ASP 25 31 31 ASP ASP A . n 
A 1 26 GLN 26 32 32 GLN GLN A . n 
A 1 27 LEU 27 33 33 LEU LEU A . n 
A 1 28 PRO 28 34 34 PRO PRO A . n 
A 1 29 ASP 29 35 35 ASP ASP A . n 
A 1 30 ASP 30 36 36 ASP ASP A . n 
A 1 31 TRP 31 37 37 TRP TRP A . n 
A 1 32 CYS 32 38 38 CYS CYS A . n 
A 1 33 CYS 33 39 39 CYS CYS A . n 
A 1 34 PRO 34 40 40 PRO PRO A . n 
A 1 35 VAL 35 41 41 VAL VAL A . n 
A 1 36 CYS 36 42 42 CYS CYS A . n 
A 1 37 GLY 37 43 43 GLY GLY A . n 
A 1 38 VAL 38 44 44 VAL VAL A . n 
A 1 39 SER 39 45 45 SER SER A . n 
A 1 40 LYS 40 46 46 LYS LYS A . n 
A 1 41 ASP 41 47 47 ASP ASP A . n 
A 1 42 GLN 42 48 48 GLN GLN A . n 
A 1 43 PHE 43 49 49 PHE PHE A . n 
A 1 44 SER 44 50 50 SER SER A . n 
A 1 45 PRO 45 51 51 PRO PRO A . n 
A 1 46 ALA 46 52 52 ALA ALA A . n 
# 
loop_
_pdbx_nonpoly_scheme.asym_id 
_pdbx_nonpoly_scheme.entity_id 
_pdbx_nonpoly_scheme.mon_id 
_pdbx_nonpoly_scheme.ndb_seq_num 
_pdbx_nonpoly_scheme.pdb_seq_num 
_pdbx_nonpoly_scheme.auth_seq_num 
_pdbx_nonpoly_scheme.pdb_mon_id 
_pdbx_nonpoly_scheme.auth_mon_id 
_pdbx_nonpoly_scheme.pdb_strand_id 
_pdbx_nonpoly_scheme.pdb_ins_code 
B 2 FE  1   53  53  FE  FE  A . 
C 3 HOH 1   54  54  HOH HOH A . 
C 3 HOH 2   55  55  HOH HOH A . 
C 3 HOH 3   56  56  HOH HOH A . 
C 3 HOH 4   57  57  HOH HOH A . 
C 3 HOH 5   58  58  HOH HOH A . 
C 3 HOH 6   59  59  HOH HOH A . 
C 3 HOH 7   60  60  HOH HOH A . 
C 3 HOH 8   61  61  HOH HOH A . 
C 3 HOH 9   62  62  HOH HOH A . 
C 3 HOH 10  63  63  HOH HOH A . 
C 3 HOH 11  64  64  HOH HOH A . 
C 3 HOH 12  65  65  HOH HOH A . 
C 3 HOH 13  66  66  HOH HOH A . 
C 3 HOH 14  67  67  HOH HOH A . 
C 3 HOH 15  68  68  HOH HOH A . 
C 3 HOH 16  69  69  HOH HOH A . 
C 3 HOH 17  70  70  HOH HOH A . 
C 3 HOH 18  71  71  HOH HOH A . 
C 3 HOH 19  72  72  HOH HOH A . 
C 3 HOH 20  73  73  HOH HOH A . 
C 3 HOH 21  74  74  HOH HOH A . 
C 3 HOH 22  75  75  HOH HOH A . 
C 3 HOH 23  76  76  HOH HOH A . 
C 3 HOH 24  77  77  HOH HOH A . 
C 3 HOH 25  78  78  HOH HOH A . 
C 3 HOH 26  79  79  HOH HOH A . 
C 3 HOH 27  80  80  HOH HOH A . 
C 3 HOH 28  81  81  HOH HOH A . 
C 3 HOH 29  82  82  HOH HOH A . 
C 3 HOH 30  83  83  HOH HOH A . 
C 3 HOH 31  84  84  HOH HOH A . 
C 3 HOH 32  85  85  HOH HOH A . 
C 3 HOH 33  86  86  HOH HOH A . 
C 3 HOH 34  87  87  HOH HOH A . 
C 3 HOH 35  88  88  HOH HOH A . 
C 3 HOH 36  89  89  HOH HOH A . 
C 3 HOH 37  90  90  HOH HOH A . 
C 3 HOH 38  91  91  HOH HOH A . 
C 3 HOH 39  92  92  HOH HOH A . 
C 3 HOH 40  93  93  HOH HOH A . 
C 3 HOH 41  94  94  HOH HOH A . 
C 3 HOH 42  95  95  HOH HOH A . 
C 3 HOH 43  96  96  HOH HOH A . 
C 3 HOH 44  97  97  HOH HOH A . 
C 3 HOH 45  98  98  HOH HOH A . 
C 3 HOH 46  99  99  HOH HOH A . 
C 3 HOH 47  100 100 HOH HOH A . 
C 3 HOH 48  101 101 HOH HOH A . 
C 3 HOH 49  102 102 HOH HOH A . 
C 3 HOH 50  103 103 HOH HOH A . 
C 3 HOH 51  104 104 HOH HOH A . 
C 3 HOH 52  105 105 HOH HOH A . 
C 3 HOH 53  106 106 HOH HOH A . 
C 3 HOH 54  107 107 HOH HOH A . 
C 3 HOH 55  108 108 HOH HOH A . 
C 3 HOH 56  109 109 HOH HOH A . 
C 3 HOH 57  110 110 HOH HOH A . 
C 3 HOH 58  111 111 HOH HOH A . 
C 3 HOH 59  112 112 HOH HOH A . 
C 3 HOH 60  113 113 HOH HOH A . 
C 3 HOH 61  114 114 HOH HOH A . 
C 3 HOH 62  115 115 HOH HOH A . 
C 3 HOH 63  116 116 HOH HOH A . 
C 3 HOH 64  117 117 HOH HOH A . 
C 3 HOH 65  118 118 HOH HOH A . 
C 3 HOH 66  119 119 HOH HOH A . 
C 3 HOH 67  120 120 HOH HOH A . 
C 3 HOH 68  121 121 HOH HOH A . 
C 3 HOH 69  122 122 HOH HOH A . 
C 3 HOH 70  123 123 HOH HOH A . 
C 3 HOH 71  124 124 HOH HOH A . 
C 3 HOH 72  125 125 HOH HOH A . 
C 3 HOH 73  126 126 HOH HOH A . 
C 3 HOH 74  127 127 HOH HOH A . 
C 3 HOH 75  128 128 HOH HOH A . 
C 3 HOH 76  129 129 HOH HOH A . 
C 3 HOH 77  130 130 HOH HOH A . 
C 3 HOH 78  131 131 HOH HOH A . 
C 3 HOH 79  132 132 HOH HOH A . 
C 3 HOH 80  133 133 HOH HOH A . 
C 3 HOH 81  134 134 HOH HOH A . 
C 3 HOH 82  135 135 HOH HOH A . 
C 3 HOH 83  136 136 HOH HOH A . 
C 3 HOH 84  137 137 HOH HOH A . 
C 3 HOH 85  138 138 HOH HOH A . 
C 3 HOH 86  139 139 HOH HOH A . 
C 3 HOH 87  140 140 HOH HOH A . 
C 3 HOH 88  141 141 HOH HOH A . 
C 3 HOH 89  142 142 HOH HOH A . 
C 3 HOH 90  143 143 HOH HOH A . 
C 3 HOH 91  144 144 HOH HOH A . 
C 3 HOH 92  145 145 HOH HOH A . 
C 3 HOH 93  146 146 HOH HOH A . 
C 3 HOH 94  147 147 HOH HOH A . 
C 3 HOH 95  148 148 HOH HOH A . 
C 3 HOH 96  149 149 HOH HOH A . 
C 3 HOH 97  150 150 HOH HOH A . 
C 3 HOH 98  151 151 HOH HOH A . 
C 3 HOH 99  152 152 HOH HOH A . 
C 3 HOH 100 153 153 HOH HOH A . 
C 3 HOH 101 154 154 HOH HOH A . 
C 3 HOH 102 155 155 HOH HOH A . 
C 3 HOH 103 156 156 HOH HOH A . 
C 3 HOH 104 157 157 HOH HOH A . 
C 3 HOH 105 158 158 HOH HOH A . 
C 3 HOH 106 159 159 HOH HOH A . 
C 3 HOH 107 160 160 HOH HOH A . 
C 3 HOH 108 161 161 HOH HOH A . 
C 3 HOH 109 162 162 HOH HOH A . 
C 3 HOH 110 163 163 HOH HOH A . 
C 3 HOH 111 164 164 HOH HOH A . 
C 3 HOH 112 165 165 HOH HOH A . 
C 3 HOH 113 166 166 HOH HOH A . 
C 3 HOH 114 167 167 HOH HOH A . 
C 3 HOH 115 168 168 HOH HOH A . 
C 3 HOH 116 169 169 HOH HOH A . 
C 3 HOH 117 170 170 HOH HOH A . 
C 3 HOH 118 171 171 HOH HOH A . 
C 3 HOH 119 172 172 HOH HOH A . 
C 3 HOH 120 173 173 HOH HOH A . 
C 3 HOH 121 174 174 HOH HOH A . 
# 
_software.name             PROLSQ 
_software.classification   refinement 
_software.version          . 
_software.citation_id      ? 
_software.pdbx_ordinal     1 
# 
_cell.entry_id           6RXN 
_cell.length_a           24.920 
_cell.length_b           17.790 
_cell.length_c           19.720 
_cell.angle_alpha        101.00 
_cell.angle_beta         83.40 
_cell.angle_gamma        104.50 
_cell.Z_PDB              1 
_cell.pdbx_unique_axis   ? 
_cell.length_a_esd       ? 
_cell.length_b_esd       ? 
_cell.length_c_esd       ? 
_cell.angle_alpha_esd    ? 
_cell.angle_beta_esd     ? 
_cell.angle_gamma_esd    ? 
# 
_symmetry.entry_id                         6RXN 
_symmetry.space_group_name_H-M             'P 1' 
_symmetry.pdbx_full_space_group_name_H-M   ? 
_symmetry.cell_setting                     ? 
_symmetry.Int_Tables_number                1 
_symmetry.space_group_name_Hall            ? 
# 
_exptl.entry_id          6RXN 
_exptl.method            'X-RAY DIFFRACTION' 
_exptl.crystals_number   ? 
# 
_exptl_crystal.id                    1 
_exptl_crystal.density_meas          ? 
_exptl_crystal.density_Matthews      1.62 
_exptl_crystal.density_percent_sol   23.87 
_exptl_crystal.description           ? 
_exptl_crystal.F_000                 ? 
_exptl_crystal.preparation           ? 
# 
_diffrn.id                     1 
_diffrn.ambient_temp           ? 
_diffrn.ambient_temp_details   ? 
_diffrn.crystal_id             1 
# 
_diffrn_radiation.diffrn_id                        1 
_diffrn_radiation.wavelength_id                    1 
_diffrn_radiation.monochromator                    ? 
_diffrn_radiation.pdbx_monochromatic_or_laue_m_l   ? 
_diffrn_radiation.pdbx_diffrn_protocol             ? 
_diffrn_radiation.pdbx_scattering_type             x-ray 
# 
_diffrn_radiation_wavelength.id           1 
_diffrn_radiation_wavelength.wavelength   . 
_diffrn_radiation_wavelength.wt           1.0 
# 
_refine.entry_id                                 6RXN 
_refine.ls_number_reflns_obs                     4867 
_refine.ls_number_reflns_all                     ? 
_refine.pdbx_ls_sigma_I                          ? 
_refine.pdbx_ls_sigma_F                          ? 
_refine.pdbx_data_cutoff_high_absF               ? 
_refine.pdbx_data_cutoff_low_absF                ? 
_refine.pdbx_data_cutoff_high_rms_absF           ? 
_refine.ls_d_res_low                             5.0 
_refine.ls_d_res_high                            1.5 
_refine.ls_percent_reflns_obs                    ? 
_refine.ls_R_factor_obs                          0.0930000 
_refine.ls_R_factor_all                          ? 
_refine.ls_R_factor_R_work                       ? 
_refine.ls_R_factor_R_free                       ? 
_refine.ls_R_factor_R_free_error                 ? 
_refine.ls_R_factor_R_free_error_details         ? 
_refine.ls_percent_reflns_R_free                 ? 
_refine.ls_number_reflns_R_free                  ? 
_refine.ls_number_parameters                     ? 
_refine.ls_number_restraints                     ? 
_refine.occupancy_min                            ? 
_refine.occupancy_max                            ? 
_refine.B_iso_mean                               ? 
_refine.aniso_B[1][1]                            ? 
_refine.aniso_B[2][2]                            ? 
_refine.aniso_B[3][3]                            ? 
_refine.aniso_B[1][2]                            ? 
_refine.aniso_B[1][3]                            ? 
_refine.aniso_B[2][3]                            ? 
_refine.solvent_model_details                    ? 
_refine.solvent_model_param_ksol                 ? 
_refine.solvent_model_param_bsol                 ? 
_refine.pdbx_ls_cross_valid_method               ? 
_refine.details                                  
;THE FE ATOM HAS BEEN REFINED WITH AN ANISOTROPIC
TEMPERATURE FACTOR.  THE VALUE GIVEN IN THE B-VALUE FIELD
IS THE EQUIVALENT B-VALUE.
(B(EQ) = 8*PI**2*(U11+U22+U33)/3).

THE ANISOTROPIC TEMPERATURE FACTORS FOR THE FE IN U(IJ) ARE

 U(1,1) = 0.0923   U(2,2) =  0.0932   U(3,3) =  0.0762
 U(1,2) = 0.0132   U(1,3) = -0.0013   U(2,3) = -0.0030
;
_refine.pdbx_starting_model                      ? 
_refine.pdbx_method_to_determine_struct          ? 
_refine.pdbx_isotropic_thermal_model             ? 
_refine.pdbx_stereochemistry_target_values       ? 
_refine.pdbx_stereochem_target_val_spec_case     ? 
_refine.pdbx_R_Free_selection_details            ? 
_refine.pdbx_overall_ESU_R                       ? 
_refine.pdbx_overall_ESU_R_Free                  ? 
_refine.overall_SU_ML                            ? 
_refine.overall_SU_B                             ? 
_refine.ls_redundancy_reflns_obs                 ? 
_refine.pdbx_overall_phase_error                 ? 
_refine.B_iso_min                                ? 
_refine.B_iso_max                                ? 
_refine.correlation_coeff_Fo_to_Fc               ? 
_refine.correlation_coeff_Fo_to_Fc_free          ? 
_refine.pdbx_solvent_vdw_probe_radii             ? 
_refine.pdbx_solvent_ion_probe_radii             ? 
_refine.pdbx_solvent_shrinkage_radii             ? 
_refine.overall_SU_R_Cruickshank_DPI             ? 
_refine.overall_SU_R_free                        ? 
_refine.ls_wR_factor_R_free                      ? 
_refine.ls_wR_factor_R_work                      ? 
_refine.overall_FOM_free_R_set                   ? 
_refine.overall_FOM_work_R_set                   ? 
_refine.pdbx_refine_id                           'X-RAY DIFFRACTION' 
_refine.pdbx_diffrn_id                           1 
_refine.pdbx_TLS_residual_ADP_flag               ? 
_refine.pdbx_overall_SU_R_free_Cruickshank_DPI   ? 
_refine.pdbx_overall_SU_R_Blow_DPI               ? 
_refine.pdbx_overall_SU_R_free_Blow_DPI          ? 
# 
_refine_hist.pdbx_refine_id                   'X-RAY DIFFRACTION' 
_refine_hist.cycle_id                         LAST 
_refine_hist.pdbx_number_atoms_protein        369 
_refine_hist.pdbx_number_atoms_nucleic_acid   0 
_refine_hist.pdbx_number_atoms_ligand         1 
_refine_hist.number_atoms_solvent             121 
_refine_hist.number_atoms_total               491 
_refine_hist.d_res_high                       1.5 
_refine_hist.d_res_low                        5.0 
# 
loop_
_refine_ls_restr.type 
_refine_ls_restr.dev_ideal 
_refine_ls_restr.dev_ideal_target 
_refine_ls_restr.weight 
_refine_ls_restr.number 
_refine_ls_restr.pdbx_refine_id 
_refine_ls_restr.pdbx_restraint_function 
p_bond_d            0.019 0.020 ? ? 'X-RAY DIFFRACTION' ? 
p_angle_d           0.037 0.040 ? ? 'X-RAY DIFFRACTION' ? 
p_angle_deg         ?     ?     ? ? 'X-RAY DIFFRACTION' ? 
p_planar_d          0.053 0.050 ? ? 'X-RAY DIFFRACTION' ? 
p_hb_or_metal_coord ?     ?     ? ? 'X-RAY DIFFRACTION' ? 
p_mcbond_it         1.41  2.000 ? ? 'X-RAY DIFFRACTION' ? 
p_mcangle_it        1.83  2.000 ? ? 'X-RAY DIFFRACTION' ? 
p_scbond_it         2.97  3.000 ? ? 'X-RAY DIFFRACTION' ? 
p_scangle_it        3.78  3.000 ? ? 'X-RAY DIFFRACTION' ? 
p_plane_restr       0.029 0.050 ? ? 'X-RAY DIFFRACTION' ? 
p_chiral_restr      0.141 0.100 ? ? 'X-RAY DIFFRACTION' ? 
p_singtor_nbd       0.350 0.350 ? ? 'X-RAY DIFFRACTION' ? 
p_multtor_nbd       0.225 0.225 ? ? 'X-RAY DIFFRACTION' ? 
p_xhyhbond_nbd      0.650 0.650 ? ? 'X-RAY DIFFRACTION' ? 
p_xyhbond_nbd       ?     ?     ? ? 'X-RAY DIFFRACTION' ? 
p_planar_tor        4.2   3.0   ? ? 'X-RAY DIFFRACTION' ? 
p_staggered_tor     11.9  15.0  ? ? 'X-RAY DIFFRACTION' ? 
p_orthonormal_tor   16.0  20.0  ? ? 'X-RAY DIFFRACTION' ? 
p_transverse_tor    ?     ?     ? ? 'X-RAY DIFFRACTION' ? 
p_special_tor       ?     ?     ? ? 'X-RAY DIFFRACTION' ? 
# 
_struct.entry_id                  6RXN 
_struct.title                     'THE STRUCTURE OF RUBREDOXIN FROM DESULFOVIBRIO DESULFURICANS' 
_struct.pdbx_model_details        ? 
_struct.pdbx_CASP_flag            ? 
_struct.pdbx_model_type_details   ? 
# 
_struct_keywords.entry_id        6RXN 
_struct_keywords.pdbx_keywords   'ELECTRON TRANSFER(IRON-SULFUR PROTEIN)' 
_struct_keywords.text            'ELECTRON TRANSFER(IRON-SULFUR PROTEIN)' 
# 
loop_
_struct_asym.id 
_struct_asym.pdbx_blank_PDB_chainid_flag 
_struct_asym.pdbx_modified 
_struct_asym.entity_id 
_struct_asym.details 
A N N 1 ? 
B N N 2 ? 
C N N 3 ? 
# 
_struct_ref.id                         1 
_struct_ref.db_name                    UNP 
_struct_ref.db_code                    RUBR1_DESDE 
_struct_ref.entity_id                  1 
_struct_ref.pdbx_db_accession          P04170 
_struct_ref.pdbx_align_begin           1 
_struct_ref.pdbx_seq_one_letter_code   MQKYVCNVCGYEYDPAEHDNVPFDQLPDDWCCPVCGVSKDQFSPA 
_struct_ref.pdbx_db_isoform            ? 
# 
_struct_ref_seq.align_id                      1 
_struct_ref_seq.ref_id                        1 
_struct_ref_seq.pdbx_PDB_id_code              6RXN 
_struct_ref_seq.pdbx_strand_id                A 
_struct_ref_seq.seq_align_beg                 2 
_struct_ref_seq.pdbx_seq_align_beg_ins_code   ? 
_struct_ref_seq.seq_align_end                 46 
_struct_ref_seq.pdbx_seq_align_end_ins_code   ? 
_struct_ref_seq.pdbx_db_accession             P04170 
_struct_ref_seq.db_align_beg                  1 
_struct_ref_seq.pdbx_db_align_beg_ins_code    ? 
_struct_ref_seq.db_align_end                  45 
_struct_ref_seq.pdbx_db_align_end_ins_code    ? 
_struct_ref_seq.pdbx_auth_seq_align_beg       1 
_struct_ref_seq.pdbx_auth_seq_align_end       52 
# 
_pdbx_struct_assembly.id                   1 
_pdbx_struct_assembly.details              author_defined_assembly 
_pdbx_struct_assembly.method_details       ? 
_pdbx_struct_assembly.oligomeric_details   monomeric 
_pdbx_struct_assembly.oligomeric_count     1 
# 
_pdbx_struct_assembly_gen.assembly_id       1 
_pdbx_struct_assembly_gen.oper_expression   1 
_pdbx_struct_assembly_gen.asym_id_list      A,B,C 
# 
_pdbx_struct_oper_list.id                   1 
_pdbx_struct_oper_list.type                 'identity operation' 
_pdbx_struct_oper_list.name                 1_555 
_pdbx_struct_oper_list.symmetry_operation   x,y,z 
_pdbx_struct_oper_list.matrix[1][1]         1.0000000000 
_pdbx_struct_oper_list.matrix[1][2]         0.0000000000 
_pdbx_struct_oper_list.matrix[1][3]         0.0000000000 
_pdbx_struct_oper_list.vector[1]            0.0000000000 
_pdbx_struct_oper_list.matrix[2][1]         0.0000000000 
_pdbx_struct_oper_list.matrix[2][2]         1.0000000000 
_pdbx_struct_oper_list.matrix[2][3]         0.0000000000 
_pdbx_struct_oper_list.vector[2]            0.0000000000 
_pdbx_struct_oper_list.matrix[3][1]         0.0000000000 
_pdbx_struct_oper_list.matrix[3][2]         0.0000000000 
_pdbx_struct_oper_list.matrix[3][3]         1.0000000000 
_pdbx_struct_oper_list.vector[3]            0.0000000000 
# 
_struct_biol.id        1 
_struct_biol.details   ? 
# 
loop_
_struct_conf.conf_type_id 
_struct_conf.id 
_struct_conf.pdbx_PDB_helix_id 
_struct_conf.beg_label_comp_id 
_struct_conf.beg_label_asym_id 
_struct_conf.beg_label_seq_id 
_struct_conf.pdbx_beg_PDB_ins_code 
_struct_conf.end_label_comp_id 
_struct_conf.end_label_asym_id 
_struct_conf.end_label_seq_id 
_struct_conf.pdbx_end_PDB_ins_code 
_struct_conf.beg_auth_comp_id 
_struct_conf.beg_auth_asym_id 
_struct_conf.beg_auth_seq_id 
_struct_conf.end_auth_comp_id 
_struct_conf.end_auth_asym_id 
_struct_conf.end_auth_seq_id 
_struct_conf.pdbx_PDB_helix_class 
_struct_conf.details 
_struct_conf.pdbx_PDB_helix_length 
HELX_P HELX_P1 1 ASP A 15 ? ASP A 20 ? ASP A 14 ASP A 26 5 ? 6 
HELX_P HELX_P2 2 PRO A 23 ? LEU A 27 ? PRO A 29 LEU A 33 5 ? 5 
# 
_struct_conf_type.id          HELX_P 
_struct_conf_type.criteria    ? 
_struct_conf_type.reference   ? 
# 
loop_
_struct_conn.id 
_struct_conn.conn_type_id 
_struct_conn.pdbx_leaving_atom_flag 
_struct_conn.pdbx_PDB_id 
_struct_conn.ptnr1_label_asym_id 
_struct_conn.ptnr1_label_comp_id 
_struct_conn.ptnr1_label_seq_id 
_struct_conn.ptnr1_label_atom_id 
_struct_conn.pdbx_ptnr1_label_alt_id 
_struct_conn.pdbx_ptnr1_PDB_ins_code 
_struct_conn.pdbx_ptnr1_standard_comp_id 
_struct_conn.ptnr1_symmetry 
_struct_conn.ptnr2_label_asym_id 
_struct_conn.ptnr2_label_comp_id 
_struct_conn.ptnr2_label_seq_id 
_struct_conn.ptnr2_label_atom_id 
_struct_conn.pdbx_ptnr2_label_alt_id 
_struct_conn.pdbx_ptnr2_PDB_ins_code 
_struct_conn.ptnr1_auth_asym_id 
_struct_conn.ptnr1_auth_comp_id 
_struct_conn.ptnr1_auth_seq_id 
_struct_conn.ptnr2_auth_asym_id 
_struct_conn.ptnr2_auth_comp_id 
_struct_conn.ptnr2_auth_seq_id 
_struct_conn.ptnr2_symmetry 
_struct_conn.pdbx_ptnr3_label_atom_id 
_struct_conn.pdbx_ptnr3_label_seq_id 
_struct_conn.pdbx_ptnr3_label_comp_id 
_struct_conn.pdbx_ptnr3_label_asym_id 
_struct_conn.pdbx_ptnr3_label_alt_id 
_struct_conn.pdbx_ptnr3_PDB_ins_code 
_struct_conn.details 
_struct_conn.pdbx_dist_value 
_struct_conn.pdbx_value_order 
_struct_conn.pdbx_role 
covale1 covale one ? A FOR 1  C  ? ? ? 1_555 A MET 2 N  ? ? A FOR 0  A MET 1  1_555 ? ? ? ? ? ? ? 1.361 ? ? 
metalc1 metalc ?   ? A CYS 7  SG ? ? ? 1_555 B FE  . FE ? ? A CYS 6  A FE  53 1_555 ? ? ? ? ? ? ? 2.283 ? ? 
metalc2 metalc ?   ? A CYS 10 SG ? ? ? 1_555 B FE  . FE ? ? A CYS 9  A FE  53 1_555 ? ? ? ? ? ? ? 2.264 ? ? 
metalc3 metalc ?   ? A CYS 33 SG ? ? ? 1_555 B FE  . FE ? ? A CYS 39 A FE  53 1_555 ? ? ? ? ? ? ? 2.304 ? ? 
metalc4 metalc ?   ? A CYS 36 SG ? ? ? 1_555 B FE  . FE ? ? A CYS 42 A FE  53 1_555 ? ? ? ? ? ? ? 2.247 ? ? 
# 
loop_
_struct_conn_type.id 
_struct_conn_type.criteria 
_struct_conn_type.reference 
covale ? ? 
metalc ? ? 
# 
loop_
_pdbx_struct_conn_angle.id 
_pdbx_struct_conn_angle.ptnr1_label_atom_id 
_pdbx_struct_conn_angle.ptnr1_label_alt_id 
_pdbx_struct_conn_angle.ptnr1_label_asym_id 
_pdbx_struct_conn_angle.ptnr1_label_comp_id 
_pdbx_struct_conn_angle.ptnr1_label_seq_id 
_pdbx_struct_conn_angle.ptnr1_auth_atom_id 
_pdbx_struct_conn_angle.ptnr1_auth_asym_id 
_pdbx_struct_conn_angle.ptnr1_auth_comp_id 
_pdbx_struct_conn_angle.ptnr1_auth_seq_id 
_pdbx_struct_conn_angle.ptnr1_PDB_ins_code 
_pdbx_struct_conn_angle.ptnr1_symmetry 
_pdbx_struct_conn_angle.ptnr2_label_atom_id 
_pdbx_struct_conn_angle.ptnr2_label_alt_id 
_pdbx_struct_conn_angle.ptnr2_label_asym_id 
_pdbx_struct_conn_angle.ptnr2_label_comp_id 
_pdbx_struct_conn_angle.ptnr2_label_seq_id 
_pdbx_struct_conn_angle.ptnr2_auth_atom_id 
_pdbx_struct_conn_angle.ptnr2_auth_asym_id 
_pdbx_struct_conn_angle.ptnr2_auth_comp_id 
_pdbx_struct_conn_angle.ptnr2_auth_seq_id 
_pdbx_struct_conn_angle.ptnr2_PDB_ins_code 
_pdbx_struct_conn_angle.ptnr2_symmetry 
_pdbx_struct_conn_angle.ptnr3_label_atom_id 
_pdbx_struct_conn_angle.ptnr3_label_alt_id 
_pdbx_struct_conn_angle.ptnr3_label_asym_id 
_pdbx_struct_conn_angle.ptnr3_label_comp_id 
_pdbx_struct_conn_angle.ptnr3_label_seq_id 
_pdbx_struct_conn_angle.ptnr3_auth_atom_id 
_pdbx_struct_conn_angle.ptnr3_auth_asym_id 
_pdbx_struct_conn_angle.ptnr3_auth_comp_id 
_pdbx_struct_conn_angle.ptnr3_auth_seq_id 
_pdbx_struct_conn_angle.ptnr3_PDB_ins_code 
_pdbx_struct_conn_angle.ptnr3_symmetry 
_pdbx_struct_conn_angle.value 
_pdbx_struct_conn_angle.value_esd 
1 SG ? A CYS 7  ? A CYS 6  ? 1_555 FE ? B FE . ? A FE 53 ? 1_555 SG ? A CYS 10 ? A CYS 9  ? 1_555 111.3 ? 
2 SG ? A CYS 7  ? A CYS 6  ? 1_555 FE ? B FE . ? A FE 53 ? 1_555 SG ? A CYS 33 ? A CYS 39 ? 1_555 112.7 ? 
3 SG ? A CYS 10 ? A CYS 9  ? 1_555 FE ? B FE . ? A FE 53 ? 1_555 SG ? A CYS 33 ? A CYS 39 ? 1_555 100.8 ? 
4 SG ? A CYS 7  ? A CYS 6  ? 1_555 FE ? B FE . ? A FE 53 ? 1_555 SG ? A CYS 36 ? A CYS 42 ? 1_555 104.6 ? 
5 SG ? A CYS 10 ? A CYS 9  ? 1_555 FE ? B FE . ? A FE 53 ? 1_555 SG ? A CYS 36 ? A CYS 42 ? 1_555 114.5 ? 
6 SG ? A CYS 33 ? A CYS 39 ? 1_555 FE ? B FE . ? A FE 53 ? 1_555 SG ? A CYS 36 ? A CYS 42 ? 1_555 113.3 ? 
# 
_struct_sheet.id               A 
_struct_sheet.type             ? 
_struct_sheet.number_strands   3 
_struct_sheet.details          ? 
# 
loop_
_struct_sheet_order.sheet_id 
_struct_sheet_order.range_id_1 
_struct_sheet_order.range_id_2 
_struct_sheet_order.offset 
_struct_sheet_order.sense 
A 1 2 ? anti-parallel 
A 2 3 ? anti-parallel 
# 
loop_
_struct_sheet_range.sheet_id 
_struct_sheet_range.id 
_struct_sheet_range.beg_label_comp_id 
_struct_sheet_range.beg_label_asym_id 
_struct_sheet_range.beg_label_seq_id 
_struct_sheet_range.pdbx_beg_PDB_ins_code 
_struct_sheet_range.end_label_comp_id 
_struct_sheet_range.end_label_asym_id 
_struct_sheet_range.end_label_seq_id 
_struct_sheet_range.pdbx_end_PDB_ins_code 
_struct_sheet_range.beg_auth_comp_id 
_struct_sheet_range.beg_auth_asym_id 
_struct_sheet_range.beg_auth_seq_id 
_struct_sheet_range.end_auth_comp_id 
_struct_sheet_range.end_auth_asym_id 
_struct_sheet_range.end_auth_seq_id 
A 1 TYR A 12 ? TYR A 14 ? TYR A 11 TYR A 13 
A 2 TYR A 5  ? ASN A 8  ? TYR A 4  ASN A 7  
A 3 GLN A 42 ? ALA A 46 ? GLN A 48 ALA A 52 
# 
loop_
_pdbx_struct_sheet_hbond.sheet_id 
_pdbx_struct_sheet_hbond.range_id_1 
_pdbx_struct_sheet_hbond.range_id_2 
_pdbx_struct_sheet_hbond.range_1_label_atom_id 
_pdbx_struct_sheet_hbond.range_1_label_comp_id 
_pdbx_struct_sheet_hbond.range_1_label_asym_id 
_pdbx_struct_sheet_hbond.range_1_label_seq_id 
_pdbx_struct_sheet_hbond.range_1_PDB_ins_code 
_pdbx_struct_sheet_hbond.range_1_auth_atom_id 
_pdbx_struct_sheet_hbond.range_1_auth_comp_id 
_pdbx_struct_sheet_hbond.range_1_auth_asym_id 
_pdbx_struct_sheet_hbond.range_1_auth_seq_id 
_pdbx_struct_sheet_hbond.range_2_label_atom_id 
_pdbx_struct_sheet_hbond.range_2_label_comp_id 
_pdbx_struct_sheet_hbond.range_2_label_asym_id 
_pdbx_struct_sheet_hbond.range_2_label_seq_id 
_pdbx_struct_sheet_hbond.range_2_PDB_ins_code 
_pdbx_struct_sheet_hbond.range_2_auth_atom_id 
_pdbx_struct_sheet_hbond.range_2_auth_comp_id 
_pdbx_struct_sheet_hbond.range_2_auth_asym_id 
_pdbx_struct_sheet_hbond.range_2_auth_seq_id 
A 1 2 O TYR A 14 ? O TYR A 13 N TYR A 5  ? N TYR A 4  
A 2 3 N ASN A 8  ? N ASN A 7  O GLN A 42 ? O GLN A 48 
# 
_struct_site.id                   AC1 
_struct_site.pdbx_evidence_code   Software 
_struct_site.pdbx_auth_asym_id    A 
_struct_site.pdbx_auth_comp_id    FE 
_struct_site.pdbx_auth_seq_id     53 
_struct_site.pdbx_auth_ins_code   ? 
_struct_site.pdbx_num_residues    4 
_struct_site.details              'BINDING SITE FOR RESIDUE FE A 53' 
# 
loop_
_struct_site_gen.id 
_struct_site_gen.site_id 
_struct_site_gen.pdbx_num_res 
_struct_site_gen.label_comp_id 
_struct_site_gen.label_asym_id 
_struct_site_gen.label_seq_id 
_struct_site_gen.pdbx_auth_ins_code 
_struct_site_gen.auth_comp_id 
_struct_site_gen.auth_asym_id 
_struct_site_gen.auth_seq_id 
_struct_site_gen.label_atom_id 
_struct_site_gen.label_alt_id 
_struct_site_gen.symmetry 
_struct_site_gen.details 
1 AC1 4 CYS A 7  ? CYS A 6  . ? 1_555 ? 
2 AC1 4 CYS A 10 ? CYS A 9  . ? 1_555 ? 
3 AC1 4 CYS A 33 ? CYS A 39 . ? 1_555 ? 
4 AC1 4 CYS A 36 ? CYS A 42 . ? 1_555 ? 
# 
_pdbx_entry_details.entry_id                   6RXN 
_pdbx_entry_details.compound_details           ? 
_pdbx_entry_details.source_details             ? 
_pdbx_entry_details.nonpolymer_details         ? 
_pdbx_entry_details.sequence_details           ? 
_pdbx_entry_details.has_ligand_of_interest     ? 
_pdbx_entry_details.has_protein_modification   Y 
# 
loop_
_pdbx_validate_rmsd_angle.id 
_pdbx_validate_rmsd_angle.PDB_model_num 
_pdbx_validate_rmsd_angle.auth_atom_id_1 
_pdbx_validate_rmsd_angle.auth_asym_id_1 
_pdbx_validate_rmsd_angle.auth_comp_id_1 
_pdbx_validate_rmsd_angle.auth_seq_id_1 
_pdbx_validate_rmsd_angle.PDB_ins_code_1 
_pdbx_validate_rmsd_angle.label_alt_id_1 
_pdbx_validate_rmsd_angle.auth_atom_id_2 
_pdbx_validate_rmsd_angle.auth_asym_id_2 
_pdbx_validate_rmsd_angle.auth_comp_id_2 
_pdbx_validate_rmsd_angle.auth_seq_id_2 
_pdbx_validate_rmsd_angle.PDB_ins_code_2 
_pdbx_validate_rmsd_angle.label_alt_id_2 
_pdbx_validate_rmsd_angle.auth_atom_id_3 
_pdbx_validate_rmsd_angle.auth_asym_id_3 
_pdbx_validate_rmsd_angle.auth_comp_id_3 
_pdbx_validate_rmsd_angle.auth_seq_id_3 
_pdbx_validate_rmsd_angle.PDB_ins_code_3 
_pdbx_validate_rmsd_angle.label_alt_id_3 
_pdbx_validate_rmsd_angle.angle_value 
_pdbx_validate_rmsd_angle.angle_target_value 
_pdbx_validate_rmsd_angle.angle_deviation 
_pdbx_validate_rmsd_angle.angle_standard_deviation 
_pdbx_validate_rmsd_angle.linker_flag 
1 1 CD1 A TYR 4  ? ? CE1 A TYR 4  ? ? CZ  A TYR 4  ? ? 113.98 119.80 -5.82 0.90 N 
2 1 CB  A ASP 14 ? ? CG  A ASP 14 ? ? OD2 A ASP 14 ? ? 112.59 118.30 -5.71 0.90 N 
3 1 CB  A PHE 30 ? ? CG  A PHE 30 ? ? CD1 A PHE 30 ? ? 116.52 120.80 -4.28 0.70 N 
4 1 CB  A ASP 36 ? ? CG  A ASP 36 ? ? OD1 A ASP 36 ? ? 123.73 118.30 5.43  0.90 N 
# 
_pdbx_database_remark.id     700 
_pdbx_database_remark.text   
;SHEET
RESIDUES 4 - 7, 11 - 13, AND 48 - 52 DISPLAY A SHEET-LIKE
HYDROGEN BONDING PATTERN, BUT THE TORSION ANGLES FOR THE
POLYPEPTIDE CHAIN ARE NOT IDEAL FOR BETA SHEETS.
;
# 
loop_
_chem_comp_atom.comp_id 
_chem_comp_atom.atom_id 
_chem_comp_atom.type_symbol 
_chem_comp_atom.pdbx_aromatic_flag 
_chem_comp_atom.pdbx_stereo_config 
_chem_comp_atom.pdbx_ordinal 
ALA N    N  N N 1   
ALA CA   C  N S 2   
ALA C    C  N N 3   
ALA O    O  N N 4   
ALA CB   C  N N 5   
ALA OXT  O  N N 6   
ALA H    H  N N 7   
ALA H2   H  N N 8   
ALA HA   H  N N 9   
ALA HB1  H  N N 10  
ALA HB2  H  N N 11  
ALA HB3  H  N N 12  
ALA HXT  H  N N 13  
ASN N    N  N N 14  
ASN CA   C  N S 15  
ASN C    C  N N 16  
ASN O    O  N N 17  
ASN CB   C  N N 18  
ASN CG   C  N N 19  
ASN OD1  O  N N 20  
ASN ND2  N  N N 21  
ASN OXT  O  N N 22  
ASN H    H  N N 23  
ASN H2   H  N N 24  
ASN HA   H  N N 25  
ASN HB2  H  N N 26  
ASN HB3  H  N N 27  
ASN HD21 H  N N 28  
ASN HD22 H  N N 29  
ASN HXT  H  N N 30  
ASP N    N  N N 31  
ASP CA   C  N S 32  
ASP C    C  N N 33  
ASP O    O  N N 34  
ASP CB   C  N N 35  
ASP CG   C  N N 36  
ASP OD1  O  N N 37  
ASP OD2  O  N N 38  
ASP OXT  O  N N 39  
ASP H    H  N N 40  
ASP H2   H  N N 41  
ASP HA   H  N N 42  
ASP HB2  H  N N 43  
ASP HB3  H  N N 44  
ASP HD2  H  N N 45  
ASP HXT  H  N N 46  
CYS N    N  N N 47  
CYS CA   C  N R 48  
CYS C    C  N N 49  
CYS O    O  N N 50  
CYS CB   C  N N 51  
CYS SG   S  N N 52  
CYS OXT  O  N N 53  
CYS H    H  N N 54  
CYS H2   H  N N 55  
CYS HA   H  N N 56  
CYS HB2  H  N N 57  
CYS HB3  H  N N 58  
CYS HG   H  N N 59  
CYS HXT  H  N N 60  
FE  FE   FE N N 61  
FOR C    C  N N 62  
FOR O    O  N N 63  
FOR H1   H  N N 64  
FOR H2   H  N N 65  
GLN N    N  N N 66  
GLN CA   C  N S 67  
GLN C    C  N N 68  
GLN O    O  N N 69  
GLN CB   C  N N 70  
GLN CG   C  N N 71  
GLN CD   C  N N 72  
GLN OE1  O  N N 73  
GLN NE2  N  N N 74  
GLN OXT  O  N N 75  
GLN H    H  N N 76  
GLN H2   H  N N 77  
GLN HA   H  N N 78  
GLN HB2  H  N N 79  
GLN HB3  H  N N 80  
GLN HG2  H  N N 81  
GLN HG3  H  N N 82  
GLN HE21 H  N N 83  
GLN HE22 H  N N 84  
GLN HXT  H  N N 85  
GLU N    N  N N 86  
GLU CA   C  N S 87  
GLU C    C  N N 88  
GLU O    O  N N 89  
GLU CB   C  N N 90  
GLU CG   C  N N 91  
GLU CD   C  N N 92  
GLU OE1  O  N N 93  
GLU OE2  O  N N 94  
GLU OXT  O  N N 95  
GLU H    H  N N 96  
GLU H2   H  N N 97  
GLU HA   H  N N 98  
GLU HB2  H  N N 99  
GLU HB3  H  N N 100 
GLU HG2  H  N N 101 
GLU HG3  H  N N 102 
GLU HE2  H  N N 103 
GLU HXT  H  N N 104 
GLY N    N  N N 105 
GLY CA   C  N N 106 
GLY C    C  N N 107 
GLY O    O  N N 108 
GLY OXT  O  N N 109 
GLY H    H  N N 110 
GLY H2   H  N N 111 
GLY HA2  H  N N 112 
GLY HA3  H  N N 113 
GLY HXT  H  N N 114 
HIS N    N  N N 115 
HIS CA   C  N S 116 
HIS C    C  N N 117 
HIS O    O  N N 118 
HIS CB   C  N N 119 
HIS CG   C  Y N 120 
HIS ND1  N  Y N 121 
HIS CD2  C  Y N 122 
HIS CE1  C  Y N 123 
HIS NE2  N  Y N 124 
HIS OXT  O  N N 125 
HIS H    H  N N 126 
HIS H2   H  N N 127 
HIS HA   H  N N 128 
HIS HB2  H  N N 129 
HIS HB3  H  N N 130 
HIS HD1  H  N N 131 
HIS HD2  H  N N 132 
HIS HE1  H  N N 133 
HIS HE2  H  N N 134 
HIS HXT  H  N N 135 
HOH O    O  N N 136 
HOH H1   H  N N 137 
HOH H2   H  N N 138 
LEU N    N  N N 139 
LEU CA   C  N S 140 
LEU C    C  N N 141 
LEU O    O  N N 142 
LEU CB   C  N N 143 
LEU CG   C  N N 144 
LEU CD1  C  N N 145 
LEU CD2  C  N N 146 
LEU OXT  O  N N 147 
LEU H    H  N N 148 
LEU H2   H  N N 149 
LEU HA   H  N N 150 
LEU HB2  H  N N 151 
LEU HB3  H  N N 152 
LEU HG   H  N N 153 
LEU HD11 H  N N 154 
LEU HD12 H  N N 155 
LEU HD13 H  N N 156 
LEU HD21 H  N N 157 
LEU HD22 H  N N 158 
LEU HD23 H  N N 159 
LEU HXT  H  N N 160 
LYS N    N  N N 161 
LYS CA   C  N S 162 
LYS C    C  N N 163 
LYS O    O  N N 164 
LYS CB   C  N N 165 
LYS CG   C  N N 166 
LYS CD   C  N N 167 
LYS CE   C  N N 168 
LYS NZ   N  N N 169 
LYS OXT  O  N N 170 
LYS H    H  N N 171 
LYS H2   H  N N 172 
LYS HA   H  N N 173 
LYS HB2  H  N N 174 
LYS HB3  H  N N 175 
LYS HG2  H  N N 176 
LYS HG3  H  N N 177 
LYS HD2  H  N N 178 
LYS HD3  H  N N 179 
LYS HE2  H  N N 180 
LYS HE3  H  N N 181 
LYS HZ1  H  N N 182 
LYS HZ2  H  N N 183 
LYS HZ3  H  N N 184 
LYS HXT  H  N N 185 
MET N    N  N N 186 
MET CA   C  N S 187 
MET C    C  N N 188 
MET O    O  N N 189 
MET CB   C  N N 190 
MET CG   C  N N 191 
MET SD   S  N N 192 
MET CE   C  N N 193 
MET OXT  O  N N 194 
MET H    H  N N 195 
MET H2   H  N N 196 
MET HA   H  N N 197 
MET HB2  H  N N 198 
MET HB3  H  N N 199 
MET HG2  H  N N 200 
MET HG3  H  N N 201 
MET HE1  H  N N 202 
MET HE2  H  N N 203 
MET HE3  H  N N 204 
MET HXT  H  N N 205 
PHE N    N  N N 206 
PHE CA   C  N S 207 
PHE C    C  N N 208 
PHE O    O  N N 209 
PHE CB   C  N N 210 
PHE CG   C  Y N 211 
PHE CD1  C  Y N 212 
PHE CD2  C  Y N 213 
PHE CE1  C  Y N 214 
PHE CE2  C  Y N 215 
PHE CZ   C  Y N 216 
PHE OXT  O  N N 217 
PHE H    H  N N 218 
PHE H2   H  N N 219 
PHE HA   H  N N 220 
PHE HB2  H  N N 221 
PHE HB3  H  N N 222 
PHE HD1  H  N N 223 
PHE HD2  H  N N 224 
PHE HE1  H  N N 225 
PHE HE2  H  N N 226 
PHE HZ   H  N N 227 
PHE HXT  H  N N 228 
PRO N    N  N N 229 
PRO CA   C  N S 230 
PRO C    C  N N 231 
PRO O    O  N N 232 
PRO CB   C  N N 233 
PRO CG   C  N N 234 
PRO CD   C  N N 235 
PRO OXT  O  N N 236 
PRO H    H  N N 237 
PRO HA   H  N N 238 
PRO HB2  H  N N 239 
PRO HB3  H  N N 240 
PRO HG2  H  N N 241 
PRO HG3  H  N N 242 
PRO HD2  H  N N 243 
PRO HD3  H  N N 244 
PRO HXT  H  N N 245 
SER N    N  N N 246 
SER CA   C  N S 247 
SER C    C  N N 248 
SER O    O  N N 249 
SER CB   C  N N 250 
SER OG   O  N N 251 
SER OXT  O  N N 252 
SER H    H  N N 253 
SER H2   H  N N 254 
SER HA   H  N N 255 
SER HB2  H  N N 256 
SER HB3  H  N N 257 
SER HG   H  N N 258 
SER HXT  H  N N 259 
TRP N    N  N N 260 
TRP CA   C  N S 261 
TRP C    C  N N 262 
TRP O    O  N N 263 
TRP CB   C  N N 264 
TRP CG   C  Y N 265 
TRP CD1  C  Y N 266 
TRP CD2  C  Y N 267 
TRP NE1  N  Y N 268 
TRP CE2  C  Y N 269 
TRP CE3  C  Y N 270 
TRP CZ2  C  Y N 271 
TRP CZ3  C  Y N 272 
TRP CH2  C  Y N 273 
TRP OXT  O  N N 274 
TRP H    H  N N 275 
TRP H2   H  N N 276 
TRP HA   H  N N 277 
TRP HB2  H  N N 278 
TRP HB3  H  N N 279 
TRP HD1  H  N N 280 
TRP HE1  H  N N 281 
TRP HE3  H  N N 282 
TRP HZ2  H  N N 283 
TRP HZ3  H  N N 284 
TRP HH2  H  N N 285 
TRP HXT  H  N N 286 
TYR N    N  N N 287 
TYR CA   C  N S 288 
TYR C    C  N N 289 
TYR O    O  N N 290 
TYR CB   C  N N 291 
TYR CG   C  Y N 292 
TYR CD1  C  Y N 293 
TYR CD2  C  Y N 294 
TYR CE1  C  Y N 295 
TYR CE2  C  Y N 296 
TYR CZ   C  Y N 297 
TYR OH   O  N N 298 
TYR OXT  O  N N 299 
TYR H    H  N N 300 
TYR H2   H  N N 301 
TYR HA   H  N N 302 
TYR HB2  H  N N 303 
TYR HB3  H  N N 304 
TYR HD1  H  N N 305 
TYR HD2  H  N N 306 
TYR HE1  H  N N 307 
TYR HE2  H  N N 308 
TYR HH   H  N N 309 
TYR HXT  H  N N 310 
VAL N    N  N N 311 
VAL CA   C  N S 312 
VAL C    C  N N 313 
VAL O    O  N N 314 
VAL CB   C  N N 315 
VAL CG1  C  N N 316 
VAL CG2  C  N N 317 
VAL OXT  O  N N 318 
VAL H    H  N N 319 
VAL H2   H  N N 320 
VAL HA   H  N N 321 
VAL HB   H  N N 322 
VAL HG11 H  N N 323 
VAL HG12 H  N N 324 
VAL HG13 H  N N 325 
VAL HG21 H  N N 326 
VAL HG22 H  N N 327 
VAL HG23 H  N N 328 
VAL HXT  H  N N 329 
# 
loop_
_chem_comp_bond.comp_id 
_chem_comp_bond.atom_id_1 
_chem_comp_bond.atom_id_2 
_chem_comp_bond.value_order 
_chem_comp_bond.pdbx_aromatic_flag 
_chem_comp_bond.pdbx_stereo_config 
_chem_comp_bond.pdbx_ordinal 
ALA N   CA   sing N N 1   
ALA N   H    sing N N 2   
ALA N   H2   sing N N 3   
ALA CA  C    sing N N 4   
ALA CA  CB   sing N N 5   
ALA CA  HA   sing N N 6   
ALA C   O    doub N N 7   
ALA C   OXT  sing N N 8   
ALA CB  HB1  sing N N 9   
ALA CB  HB2  sing N N 10  
ALA CB  HB3  sing N N 11  
ALA OXT HXT  sing N N 12  
ASN N   CA   sing N N 13  
ASN N   H    sing N N 14  
ASN N   H2   sing N N 15  
ASN CA  C    sing N N 16  
ASN CA  CB   sing N N 17  
ASN CA  HA   sing N N 18  
ASN C   O    doub N N 19  
ASN C   OXT  sing N N 20  
ASN CB  CG   sing N N 21  
ASN CB  HB2  sing N N 22  
ASN CB  HB3  sing N N 23  
ASN CG  OD1  doub N N 24  
ASN CG  ND2  sing N N 25  
ASN ND2 HD21 sing N N 26  
ASN ND2 HD22 sing N N 27  
ASN OXT HXT  sing N N 28  
ASP N   CA   sing N N 29  
ASP N   H    sing N N 30  
ASP N   H2   sing N N 31  
ASP CA  C    sing N N 32  
ASP CA  CB   sing N N 33  
ASP CA  HA   sing N N 34  
ASP C   O    doub N N 35  
ASP C   OXT  sing N N 36  
ASP CB  CG   sing N N 37  
ASP CB  HB2  sing N N 38  
ASP CB  HB3  sing N N 39  
ASP CG  OD1  doub N N 40  
ASP CG  OD2  sing N N 41  
ASP OD2 HD2  sing N N 42  
ASP OXT HXT  sing N N 43  
CYS N   CA   sing N N 44  
CYS N   H    sing N N 45  
CYS N   H2   sing N N 46  
CYS CA  C    sing N N 47  
CYS CA  CB   sing N N 48  
CYS CA  HA   sing N N 49  
CYS C   O    doub N N 50  
CYS C   OXT  sing N N 51  
CYS CB  SG   sing N N 52  
CYS CB  HB2  sing N N 53  
CYS CB  HB3  sing N N 54  
CYS SG  HG   sing N N 55  
CYS OXT HXT  sing N N 56  
FOR C   O    doub N N 57  
FOR C   H1   sing N N 58  
FOR C   H2   sing N N 59  
GLN N   CA   sing N N 60  
GLN N   H    sing N N 61  
GLN N   H2   sing N N 62  
GLN CA  C    sing N N 63  
GLN CA  CB   sing N N 64  
GLN CA  HA   sing N N 65  
GLN C   O    doub N N 66  
GLN C   OXT  sing N N 67  
GLN CB  CG   sing N N 68  
GLN CB  HB2  sing N N 69  
GLN CB  HB3  sing N N 70  
GLN CG  CD   sing N N 71  
GLN CG  HG2  sing N N 72  
GLN CG  HG3  sing N N 73  
GLN CD  OE1  doub N N 74  
GLN CD  NE2  sing N N 75  
GLN NE2 HE21 sing N N 76  
GLN NE2 HE22 sing N N 77  
GLN OXT HXT  sing N N 78  
GLU N   CA   sing N N 79  
GLU N   H    sing N N 80  
GLU N   H2   sing N N 81  
GLU CA  C    sing N N 82  
GLU CA  CB   sing N N 83  
GLU CA  HA   sing N N 84  
GLU C   O    doub N N 85  
GLU C   OXT  sing N N 86  
GLU CB  CG   sing N N 87  
GLU CB  HB2  sing N N 88  
GLU CB  HB3  sing N N 89  
GLU CG  CD   sing N N 90  
GLU CG  HG2  sing N N 91  
GLU CG  HG3  sing N N 92  
GLU CD  OE1  doub N N 93  
GLU CD  OE2  sing N N 94  
GLU OE2 HE2  sing N N 95  
GLU OXT HXT  sing N N 96  
GLY N   CA   sing N N 97  
GLY N   H    sing N N 98  
GLY N   H2   sing N N 99  
GLY CA  C    sing N N 100 
GLY CA  HA2  sing N N 101 
GLY CA  HA3  sing N N 102 
GLY C   O    doub N N 103 
GLY C   OXT  sing N N 104 
GLY OXT HXT  sing N N 105 
HIS N   CA   sing N N 106 
HIS N   H    sing N N 107 
HIS N   H2   sing N N 108 
HIS CA  C    sing N N 109 
HIS CA  CB   sing N N 110 
HIS CA  HA   sing N N 111 
HIS C   O    doub N N 112 
HIS C   OXT  sing N N 113 
HIS CB  CG   sing N N 114 
HIS CB  HB2  sing N N 115 
HIS CB  HB3  sing N N 116 
HIS CG  ND1  sing Y N 117 
HIS CG  CD2  doub Y N 118 
HIS ND1 CE1  doub Y N 119 
HIS ND1 HD1  sing N N 120 
HIS CD2 NE2  sing Y N 121 
HIS CD2 HD2  sing N N 122 
HIS CE1 NE2  sing Y N 123 
HIS CE1 HE1  sing N N 124 
HIS NE2 HE2  sing N N 125 
HIS OXT HXT  sing N N 126 
HOH O   H1   sing N N 127 
HOH O   H2   sing N N 128 
LEU N   CA   sing N N 129 
LEU N   H    sing N N 130 
LEU N   H2   sing N N 131 
LEU CA  C    sing N N 132 
LEU CA  CB   sing N N 133 
LEU CA  HA   sing N N 134 
LEU C   O    doub N N 135 
LEU C   OXT  sing N N 136 
LEU CB  CG   sing N N 137 
LEU CB  HB2  sing N N 138 
LEU CB  HB3  sing N N 139 
LEU CG  CD1  sing N N 140 
LEU CG  CD2  sing N N 141 
LEU CG  HG   sing N N 142 
LEU CD1 HD11 sing N N 143 
LEU CD1 HD12 sing N N 144 
LEU CD1 HD13 sing N N 145 
LEU CD2 HD21 sing N N 146 
LEU CD2 HD22 sing N N 147 
LEU CD2 HD23 sing N N 148 
LEU OXT HXT  sing N N 149 
LYS N   CA   sing N N 150 
LYS N   H    sing N N 151 
LYS N   H2   sing N N 152 
LYS CA  C    sing N N 153 
LYS CA  CB   sing N N 154 
LYS CA  HA   sing N N 155 
LYS C   O    doub N N 156 
LYS C   OXT  sing N N 157 
LYS CB  CG   sing N N 158 
LYS CB  HB2  sing N N 159 
LYS CB  HB3  sing N N 160 
LYS CG  CD   sing N N 161 
LYS CG  HG2  sing N N 162 
LYS CG  HG3  sing N N 163 
LYS CD  CE   sing N N 164 
LYS CD  HD2  sing N N 165 
LYS CD  HD3  sing N N 166 
LYS CE  NZ   sing N N 167 
LYS CE  HE2  sing N N 168 
LYS CE  HE3  sing N N 169 
LYS NZ  HZ1  sing N N 170 
LYS NZ  HZ2  sing N N 171 
LYS NZ  HZ3  sing N N 172 
LYS OXT HXT  sing N N 173 
MET N   CA   sing N N 174 
MET N   H    sing N N 175 
MET N   H2   sing N N 176 
MET CA  C    sing N N 177 
MET CA  CB   sing N N 178 
MET CA  HA   sing N N 179 
MET C   O    doub N N 180 
MET C   OXT  sing N N 181 
MET CB  CG   sing N N 182 
MET CB  HB2  sing N N 183 
MET CB  HB3  sing N N 184 
MET CG  SD   sing N N 185 
MET CG  HG2  sing N N 186 
MET CG  HG3  sing N N 187 
MET SD  CE   sing N N 188 
MET CE  HE1  sing N N 189 
MET CE  HE2  sing N N 190 
MET CE  HE3  sing N N 191 
MET OXT HXT  sing N N 192 
PHE N   CA   sing N N 193 
PHE N   H    sing N N 194 
PHE N   H2   sing N N 195 
PHE CA  C    sing N N 196 
PHE CA  CB   sing N N 197 
PHE CA  HA   sing N N 198 
PHE C   O    doub N N 199 
PHE C   OXT  sing N N 200 
PHE CB  CG   sing N N 201 
PHE CB  HB2  sing N N 202 
PHE CB  HB3  sing N N 203 
PHE CG  CD1  doub Y N 204 
PHE CG  CD2  sing Y N 205 
PHE CD1 CE1  sing Y N 206 
PHE CD1 HD1  sing N N 207 
PHE CD2 CE2  doub Y N 208 
PHE CD2 HD2  sing N N 209 
PHE CE1 CZ   doub Y N 210 
PHE CE1 HE1  sing N N 211 
PHE CE2 CZ   sing Y N 212 
PHE CE2 HE2  sing N N 213 
PHE CZ  HZ   sing N N 214 
PHE OXT HXT  sing N N 215 
PRO N   CA   sing N N 216 
PRO N   CD   sing N N 217 
PRO N   H    sing N N 218 
PRO CA  C    sing N N 219 
PRO CA  CB   sing N N 220 
PRO CA  HA   sing N N 221 
PRO C   O    doub N N 222 
PRO C   OXT  sing N N 223 
PRO CB  CG   sing N N 224 
PRO CB  HB2  sing N N 225 
PRO CB  HB3  sing N N 226 
PRO CG  CD   sing N N 227 
PRO CG  HG2  sing N N 228 
PRO CG  HG3  sing N N 229 
PRO CD  HD2  sing N N 230 
PRO CD  HD3  sing N N 231 
PRO OXT HXT  sing N N 232 
SER N   CA   sing N N 233 
SER N   H    sing N N 234 
SER N   H2   sing N N 235 
SER CA  C    sing N N 236 
SER CA  CB   sing N N 237 
SER CA  HA   sing N N 238 
SER C   O    doub N N 239 
SER C   OXT  sing N N 240 
SER CB  OG   sing N N 241 
SER CB  HB2  sing N N 242 
SER CB  HB3  sing N N 243 
SER OG  HG   sing N N 244 
SER OXT HXT  sing N N 245 
TRP N   CA   sing N N 246 
TRP N   H    sing N N 247 
TRP N   H2   sing N N 248 
TRP CA  C    sing N N 249 
TRP CA  CB   sing N N 250 
TRP CA  HA   sing N N 251 
TRP C   O    doub N N 252 
TRP C   OXT  sing N N 253 
TRP CB  CG   sing N N 254 
TRP CB  HB2  sing N N 255 
TRP CB  HB3  sing N N 256 
TRP CG  CD1  doub Y N 257 
TRP CG  CD2  sing Y N 258 
TRP CD1 NE1  sing Y N 259 
TRP CD1 HD1  sing N N 260 
TRP CD2 CE2  doub Y N 261 
TRP CD2 CE3  sing Y N 262 
TRP NE1 CE2  sing Y N 263 
TRP NE1 HE1  sing N N 264 
TRP CE2 CZ2  sing Y N 265 
TRP CE3 CZ3  doub Y N 266 
TRP CE3 HE3  sing N N 267 
TRP CZ2 CH2  doub Y N 268 
TRP CZ2 HZ2  sing N N 269 
TRP CZ3 CH2  sing Y N 270 
TRP CZ3 HZ3  sing N N 271 
TRP CH2 HH2  sing N N 272 
TRP OXT HXT  sing N N 273 
TYR N   CA   sing N N 274 
TYR N   H    sing N N 275 
TYR N   H2   sing N N 276 
TYR CA  C    sing N N 277 
TYR CA  CB   sing N N 278 
TYR CA  HA   sing N N 279 
TYR C   O    doub N N 280 
TYR C   OXT  sing N N 281 
TYR CB  CG   sing N N 282 
TYR CB  HB2  sing N N 283 
TYR CB  HB3  sing N N 284 
TYR CG  CD1  doub Y N 285 
TYR CG  CD2  sing Y N 286 
TYR CD1 CE1  sing Y N 287 
TYR CD1 HD1  sing N N 288 
TYR CD2 CE2  doub Y N 289 
TYR CD2 HD2  sing N N 290 
TYR CE1 CZ   doub Y N 291 
TYR CE1 HE1  sing N N 292 
TYR CE2 CZ   sing Y N 293 
TYR CE2 HE2  sing N N 294 
TYR CZ  OH   sing N N 295 
TYR OH  HH   sing N N 296 
TYR OXT HXT  sing N N 297 
VAL N   CA   sing N N 298 
VAL N   H    sing N N 299 
VAL N   H2   sing N N 300 
VAL CA  C    sing N N 301 
VAL CA  CB   sing N N 302 
VAL CA  HA   sing N N 303 
VAL C   O    doub N N 304 
VAL C   OXT  sing N N 305 
VAL CB  CG1  sing N N 306 
VAL CB  CG2  sing N N 307 
VAL CB  HB   sing N N 308 
VAL CG1 HG11 sing N N 309 
VAL CG1 HG12 sing N N 310 
VAL CG1 HG13 sing N N 311 
VAL CG2 HG21 sing N N 312 
VAL CG2 HG22 sing N N 313 
VAL CG2 HG23 sing N N 314 
VAL OXT HXT  sing N N 315 
# 
_atom_sites.entry_id                    6RXN 
_atom_sites.fract_transf_matrix[1][1]   0.03130247 
_atom_sites.fract_transf_matrix[1][2]   0.01810064 
_atom_sites.fract_transf_matrix[1][3]   0.02047212 
_atom_sites.fract_transf_matrix[2][1]   -0.00056985 
_atom_sites.fract_transf_matrix[2][2]   -0.02670949 
_atom_sites.fract_transf_matrix[2][3]   0.05249613 
_atom_sites.fract_transf_matrix[3][1]   0.02725901 
_atom_sites.fract_transf_matrix[3][2]   -0.04249676 
_atom_sites.fract_transf_matrix[3][3]   -0.01153569 
_atom_sites.fract_transf_vector[1]      0.510694 
_atom_sites.fract_transf_vector[2]      0.791938 
_atom_sites.fract_transf_vector[3]      0.277041 
# 
loop_
_atom_sites_footnote.id 
_atom_sites_footnote.text 
1 'THIS ENTRY CONTAINS ALTERNATE SIDE CHAIN CONFORMATIONS FOR RESIDUES GLU 12, GLN 32, CYS 38, AND LYS 46.' 
2 
;RESIDUES 4 - 7, 11 - 13, AND 48 - 52 DISPLAY A SHEET-LIKE HYDROGEN BONDING PATTERN, BUT THE TORSION ANGLES FOR THE POLYPEPTIDE CHAIN ARE NOT IDEAL FOR BETA SHEETS.
;
# 
loop_
_atom_type.symbol 
C  
FE 
N  
O  
S  
# 
loop_
_atom_site.group_PDB 
_atom_site.id 
_atom_site.type_symbol 
_atom_site.label_atom_id 
_atom_site.label_alt_id 
_atom_site.label_comp_id 
_atom_site.label_asym_id 
_atom_site.label_entity_id 
_atom_site.label_seq_id 
_atom_site.pdbx_PDB_ins_code 
_atom_site.Cartn_x 
_atom_site.Cartn_y 
_atom_site.Cartn_z 
_atom_site.occupancy 
_atom_site.B_iso_or_equiv 
_atom_site.pdbx_formal_charge 
_atom_site.auth_seq_id 
_atom_site.auth_comp_id 
_atom_site.auth_asym_id 
_atom_site.auth_atom_id 
_atom_site.pdbx_PDB_model_num 
HETATM 1   C  C   . FOR A 1 1  ? -6.572  -5.098  -11.137 1.00 10.00 ? 0   FOR A C   1 
HETATM 2   O  O   . FOR A 1 1  ? -5.410  -5.193  -11.608 1.00 12.93 ? 0   FOR A O   1 
ATOM   3   N  N   . MET A 1 2  ? -6.908  -3.955  -10.478 1.00 9.35  ? 1   MET A N   1 
ATOM   4   C  CA  . MET A 1 2  ? -6.008  -2.827  -10.306 1.00 8.10  ? 1   MET A CA  1 
ATOM   5   C  C   . MET A 1 2  ? -4.778  -3.358  -9.482  1.00 7.99  ? 1   MET A C   1 
ATOM   6   O  O   . MET A 1 2  ? -4.940  -4.202  -8.586  1.00 8.86  ? 1   MET A O   1 
ATOM   7   C  CB  . MET A 1 2  ? -6.677  -1.712  -9.540  1.00 12.13 ? 1   MET A CB  1 
ATOM   8   C  CG  . MET A 1 2  ? -7.922  -1.202  -10.257 1.00 14.23 ? 1   MET A CG  1 
ATOM   9   S  SD  . MET A 1 2  ? -8.774  -0.027  -9.108  1.00 19.44 ? 1   MET A SD  1 
ATOM   10  C  CE  . MET A 1 2  ? -7.592  1.269   -9.035  1.00 12.75 ? 1   MET A CE  1 
ATOM   11  N  N   . GLN A 1 3  ? -3.648  -2.743  -9.740  1.00 7.94  ? 2   GLN A N   1 
ATOM   12  C  CA  . GLN A 1 3  ? -2.371  -3.219  -9.170  1.00 6.91  ? 2   GLN A CA  1 
ATOM   13  C  C   . GLN A 1 3  ? -2.383  -3.174  -7.648  1.00 6.01  ? 2   GLN A C   1 
ATOM   14  O  O   . GLN A 1 3  ? -2.527  -2.151  -6.968  1.00 6.92  ? 2   GLN A O   1 
ATOM   15  C  CB  . GLN A 1 3  ? -1.191  -2.415  -9.725  1.00 8.95  ? 2   GLN A CB  1 
ATOM   16  C  CG  . GLN A 1 3  ? 0.161   -2.924  -9.179  1.00 7.20  ? 2   GLN A CG  1 
ATOM   17  C  CD  . GLN A 1 3  ? 0.531   -4.265  -9.779  1.00 7.03  ? 2   GLN A CD  1 
ATOM   18  O  OE1 . GLN A 1 3  ? 0.674   -4.362  -10.969 1.00 11.21 ? 2   GLN A OE1 1 
ATOM   19  N  NE2 . GLN A 1 3  ? 0.544   -5.322  -8.955  1.00 6.32  ? 2   GLN A NE2 1 
ATOM   20  N  N   . LYS A 1 4  ? -2.154  -4.359  -7.073  1.00 4.40  ? 3   LYS A N   1 
ATOM   21  C  CA  . LYS A 1 4  ? -2.042  -4.533  -5.617  1.00 4.07  ? 3   LYS A CA  1 
ATOM   22  C  C   . LYS A 1 4  ? -0.556  -4.397  -5.250  1.00 3.85  ? 3   LYS A C   1 
ATOM   23  O  O   . LYS A 1 4  ? 0.357   -4.631  -6.072  1.00 5.73  ? 3   LYS A O   1 
ATOM   24  C  CB  . LYS A 1 4  ? -2.547  -5.906  -5.135  1.00 6.04  ? 3   LYS A CB  1 
ATOM   25  C  CG  . LYS A 1 4  ? -4.044  -6.042  -5.594  1.00 8.68  ? 3   LYS A CG  1 
ATOM   26  C  CD  . LYS A 1 4  ? -4.611  -7.422  -5.205  1.00 14.90 ? 3   LYS A CD  1 
ATOM   27  C  CE  . LYS A 1 4  ? -4.311  -8.340  -6.365  1.00 19.92 ? 3   LYS A CE  1 
ATOM   28  N  NZ  . LYS A 1 4  ? -4.922  -9.675  -6.052  1.00 28.72 ? 3   LYS A NZ  1 
ATOM   29  N  N   . TYR A 1 5  ? -0.342  -3.930  -4.020  1.00 3.39  ? 4   TYR A N   1 
ATOM   30  C  CA  . TYR A 1 5  ? 1.057   -3.771  -3.500  1.00 4.16  ? 4   TYR A CA  1 
ATOM   31  C  C   . TYR A 1 5  ? 1.153   -4.436  -2.144  1.00 3.32  ? 4   TYR A C   1 
ATOM   32  O  O   . TYR A 1 5  ? 0.214   -4.342  -1.324  1.00 6.66  ? 4   TYR A O   1 
ATOM   33  C  CB  . TYR A 1 5  ? 1.417   -2.258  -3.368  1.00 4.69  ? 4   TYR A CB  1 
ATOM   34  C  CG  . TYR A 1 5  ? 1.697   -1.609  -4.691  1.00 4.33  ? 4   TYR A CG  1 
ATOM   35  C  CD1 . TYR A 1 5  ? 2.965   -1.343  -5.143  1.00 6.23  ? 4   TYR A CD1 1 
ATOM   36  C  CD2 . TYR A 1 5  ? 0.580   -1.163  -5.473  1.00 7.01  ? 4   TYR A CD2 1 
ATOM   37  C  CE1 . TYR A 1 5  ? 3.225   -0.666  -6.361  1.00 9.55  ? 4   TYR A CE1 1 
ATOM   38  C  CE2 . TYR A 1 5  ? 0.811   -0.600  -6.706  1.00 8.82  ? 4   TYR A CE2 1 
ATOM   39  C  CZ  . TYR A 1 5  ? 2.101   -0.449  -7.132  1.00 9.59  ? 4   TYR A CZ  1 
ATOM   40  O  OH  . TYR A 1 5  ? 2.324   0.308   -8.279  1.00 20.29 ? 4   TYR A OH  1 
ATOM   41  N  N   . VAL A 1 6  ? 2.326   -5.027  -1.860  1.00 4.92  ? 5   VAL A N   1 
ATOM   42  C  CA  . VAL A 1 6  ? 2.533   -5.649  -0.552  1.00 5.52  ? 5   VAL A CA  1 
ATOM   43  C  C   . VAL A 1 6  ? 3.711   -4.949  0.179   1.00 5.23  ? 5   VAL A C   1 
ATOM   44  O  O   . VAL A 1 6  ? 4.728   -4.640  -0.453  1.00 5.50  ? 5   VAL A O   1 
ATOM   45  C  CB  . VAL A 1 6  ? 2.834   -7.164  -0.752  1.00 6.15  ? 5   VAL A CB  1 
ATOM   46  C  CG1 . VAL A 1 6  ? 4.196   -7.371  -1.404  1.00 10.07 ? 5   VAL A CG1 1 
ATOM   47  C  CG2 . VAL A 1 6  ? 2.840   -7.915  0.573   1.00 7.89  ? 5   VAL A CG2 1 
ATOM   48  N  N   . CYS A 1 7  ? 3.549   -4.799  1.454   1.00 4.44  ? 6   CYS A N   1 
ATOM   49  C  CA  . CYS A 1 7  ? 4.576   -4.254  2.325   1.00 3.81  ? 6   CYS A CA  1 
ATOM   50  C  C   . CYS A 1 7  ? 5.741   -5.238  2.430   1.00 4.73  ? 6   CYS A C   1 
ATOM   51  O  O   . CYS A 1 7  ? 5.501   -6.394  2.849   1.00 6.48  ? 6   CYS A O   1 
ATOM   52  C  CB  . CYS A 1 7  ? 3.956   -4.025  3.725   1.00 4.35  ? 6   CYS A CB  1 
ATOM   53  S  SG  . CYS A 1 7  ? 5.217   -3.219  4.772   1.00 6.16  ? 6   CYS A SG  1 
ATOM   54  N  N   . ASN A 1 8  ? 6.943   -4.827  2.098   1.00 4.61  ? 7   ASN A N   1 
ATOM   55  C  CA  . ASN A 1 8  ? 8.134   -5.700  2.160   1.00 6.82  ? 7   ASN A CA  1 
ATOM   56  C  C   . ASN A 1 8  ? 8.374   -6.137  3.596   1.00 8.63  ? 7   ASN A C   1 
ATOM   57  O  O   . ASN A 1 8  ? 9.112   -7.168  3.731   1.00 10.97 ? 7   ASN A O   1 
ATOM   58  C  CB  . ASN A 1 8  ? 9.354   -4.974  1.608   1.00 7.51  ? 7   ASN A CB  1 
ATOM   59  C  CG  . ASN A 1 8  ? 9.245   -4.614  0.117   1.00 10.91 ? 7   ASN A CG  1 
ATOM   60  O  OD1 . ASN A 1 8  ? 8.510   -5.273  -0.616  1.00 11.72 ? 7   ASN A OD1 1 
ATOM   61  N  ND2 . ASN A 1 8  ? 10.120  -3.727  -0.326  1.00 11.61 ? 7   ASN A ND2 1 
ATOM   62  N  N   . VAL A 1 9  ? 8.010   -5.304  4.538   1.00 6.06  ? 8   VAL A N   1 
ATOM   63  C  CA  . VAL A 1 9  ? 8.400   -5.609  5.928   1.00 5.66  ? 8   VAL A CA  1 
ATOM   64  C  C   . VAL A 1 9  ? 7.384   -6.506  6.607   1.00 6.54  ? 8   VAL A C   1 
ATOM   65  O  O   . VAL A 1 9  ? 7.817   -7.414  7.370   1.00 8.46  ? 8   VAL A O   1 
ATOM   66  C  CB  . VAL A 1 9  ? 8.606   -4.244  6.675   1.00 7.26  ? 8   VAL A CB  1 
ATOM   67  C  CG1 . VAL A 1 9  ? 8.793   -4.439  8.154   1.00 7.92  ? 8   VAL A CG1 1 
ATOM   68  C  CG2 . VAL A 1 9  ? 9.750   -3.434  6.052   1.00 8.26  ? 8   VAL A CG2 1 
ATOM   69  N  N   . CYS A 1 10 ? 6.070   -6.255  6.513   1.00 4.39  ? 9   CYS A N   1 
ATOM   70  C  CA  . CYS A 1 10 ? 5.116   -6.988  7.301   1.00 5.50  ? 9   CYS A CA  1 
ATOM   71  C  C   . CYS A 1 10 ? 4.080   -7.806  6.519   1.00 5.57  ? 9   CYS A C   1 
ATOM   72  O  O   . CYS A 1 10 ? 3.306   -8.468  7.209   1.00 6.12  ? 9   CYS A O   1 
ATOM   73  C  CB  . CYS A 1 10 ? 4.429   -5.951  8.222   1.00 7.42  ? 9   CYS A CB  1 
ATOM   74  S  SG  . CYS A 1 10 ? 3.135   -4.993  7.343   1.00 6.48  ? 9   CYS A SG  1 
ATOM   75  N  N   . GLY A 1 11 ? 4.139   -7.743  5.205   1.00 5.79  ? 10  GLY A N   1 
ATOM   76  C  CA  . GLY A 1 11 ? 3.196   -8.565  4.384   1.00 6.63  ? 10  GLY A CA  1 
ATOM   77  C  C   . GLY A 1 11 ? 1.821   -7.971  4.206   1.00 6.89  ? 10  GLY A C   1 
ATOM   78  O  O   . GLY A 1 11 ? 0.941   -8.588  3.568   1.00 8.67  ? 10  GLY A O   1 
ATOM   79  N  N   . TYR A 1 12 ? 1.542   -6.799  4.756   1.00 5.25  ? 11  TYR A N   1 
ATOM   80  C  CA  . TYR A 1 12 ? 0.217   -6.148  4.541   1.00 5.72  ? 11  TYR A CA  1 
ATOM   81  C  C   . TYR A 1 12 ? 0.035   -5.962  3.033   1.00 4.85  ? 11  TYR A C   1 
ATOM   82  O  O   . TYR A 1 12 ? 0.913   -5.362  2.375   1.00 5.99  ? 11  TYR A O   1 
ATOM   83  C  CB  . TYR A 1 12 ? 0.186   -4.790  5.312   1.00 4.92  ? 11  TYR A CB  1 
ATOM   84  C  CG  . TYR A 1 12 ? -1.000  -3.957  4.854   1.00 5.70  ? 11  TYR A CG  1 
ATOM   85  C  CD1 . TYR A 1 12 ? -2.286  -4.357  5.293   1.00 5.04  ? 11  TYR A CD1 1 
ATOM   86  C  CD2 . TYR A 1 12 ? -0.852  -2.897  3.938   1.00 4.44  ? 11  TYR A CD2 1 
ATOM   87  C  CE1 . TYR A 1 12 ? -3.410  -3.632  4.828   1.00 2.78  ? 11  TYR A CE1 1 
ATOM   88  C  CE2 . TYR A 1 12 ? -1.961  -2.164  3.515   1.00 5.20  ? 11  TYR A CE2 1 
ATOM   89  C  CZ  . TYR A 1 12 ? -3.209  -2.549  3.973   1.00 5.40  ? 11  TYR A CZ  1 
ATOM   90  O  OH  . TYR A 1 12 ? -4.319  -1.802  3.547   1.00 8.83  ? 11  TYR A OH  1 
ATOM   91  N  N   . GLU A 1 13 ? -1.148  -6.227  2.523   1.00 4.53  ? 12  GLU A N   1 
ATOM   92  C  CA  . GLU A 1 13 ? -1.420  -6.026  1.104   1.00 4.33  ? 12  GLU A CA  1 
ATOM   93  C  C   . GLU A 1 13 ? -2.499  -4.959  0.932   1.00 3.68  ? 12  GLU A C   1 
ATOM   94  O  O   . GLU A 1 13 ? -3.581  -4.936  1.520   1.00 5.64  ? 12  GLU A O   1 
ATOM   95  C  CB  . GLU A 1 13 ? -1.908  -7.329  0.439   1.00 7.55  ? 12  GLU A CB  1 
ATOM   96  C  CG  A GLU A 1 13 ? -1.799  -7.288  -1.102  0.50 11.04 ? 12  GLU A CG  1 
ATOM   97  C  CG  B GLU A 1 13 ? -2.418  -7.198  -1.006  0.50 12.86 ? 12  GLU A CG  1 
ATOM   98  C  CD  A GLU A 1 13 ? -1.795  -8.680  -1.699  0.50 14.70 ? 12  GLU A CD  1 
ATOM   99  C  CD  B GLU A 1 13 ? -2.873  -8.479  -1.665  0.50 16.95 ? 12  GLU A CD  1 
ATOM   100 O  OE1 A GLU A 1 13 ? -2.057  -9.685  -1.052  0.50 15.25 ? 12  GLU A OE1 1 
ATOM   101 O  OE1 B GLU A 1 13 ? -2.311  -9.020  -2.597  0.50 19.45 ? 12  GLU A OE1 1 
ATOM   102 O  OE2 A GLU A 1 13 ? -1.712  -8.685  -2.949  0.50 16.85 ? 12  GLU A OE2 1 
ATOM   103 O  OE2 B GLU A 1 13 ? -3.973  -8.929  -1.251  0.50 22.36 ? 12  GLU A OE2 1 
ATOM   104 N  N   . TYR A 1 14 ? -2.075  -3.924  0.150   1.00 4.94  ? 13  TYR A N   1 
ATOM   105 C  CA  . TYR A 1 14 ? -3.000  -2.856  -0.272  1.00 3.36  ? 13  TYR A CA  1 
ATOM   106 C  C   . TYR A 1 14 ? -3.695  -3.242  -1.595  1.00 2.91  ? 13  TYR A C   1 
ATOM   107 O  O   . TYR A 1 14 ? -2.979  -3.395  -2.560  1.00 4.51  ? 13  TYR A O   1 
ATOM   108 C  CB  . TYR A 1 14 ? -2.270  -1.521  -0.513  1.00 3.82  ? 13  TYR A CB  1 
ATOM   109 C  CG  . TYR A 1 14 ? -3.322  -0.422  -0.820  1.00 3.17  ? 13  TYR A CG  1 
ATOM   110 C  CD1 . TYR A 1 14 ? -3.961  0.230   0.222   1.00 3.43  ? 13  TYR A CD1 1 
ATOM   111 C  CD2 . TYR A 1 14 ? -3.579  -0.081  -2.156  1.00 3.50  ? 13  TYR A CD2 1 
ATOM   112 C  CE1 . TYR A 1 14 ? -4.890  1.220   -0.055  1.00 5.56  ? 13  TYR A CE1 1 
ATOM   113 C  CE2 . TYR A 1 14 ? -4.539  0.944   -2.468  1.00 4.25  ? 13  TYR A CE2 1 
ATOM   114 C  CZ  . TYR A 1 14 ? -5.134  1.587   -1.410  1.00 5.25  ? 13  TYR A CZ  1 
ATOM   115 O  OH  . TYR A 1 14 ? -6.162  2.449   -1.686  1.00 5.99  ? 13  TYR A OH  1 
ATOM   116 N  N   . ASP A 1 15 ? -4.990  -3.530  -1.498  1.00 4.02  ? 14  ASP A N   1 
ATOM   117 C  CA  . ASP A 1 15 ? -5.782  -3.863  -2.694  1.00 4.56  ? 14  ASP A CA  1 
ATOM   118 C  C   . ASP A 1 15 ? -6.764  -2.699  -2.982  1.00 3.94  ? 14  ASP A C   1 
ATOM   119 O  O   . ASP A 1 15 ? -7.590  -2.483  -2.115  1.00 4.35  ? 14  ASP A O   1 
ATOM   120 C  CB  . ASP A 1 15 ? -6.589  -5.197  -2.396  1.00 5.62  ? 14  ASP A CB  1 
ATOM   121 C  CG  . ASP A 1 15 ? -7.311  -5.606  -3.676  1.00 6.52  ? 14  ASP A CG  1 
ATOM   122 O  OD1 . ASP A 1 15 ? -7.435  -4.865  -4.641  1.00 6.69  ? 14  ASP A OD1 1 
ATOM   123 O  OD2 . ASP A 1 15 ? -8.037  -6.658  -3.520  1.00 8.49  ? 14  ASP A OD2 1 
ATOM   124 N  N   . PRO A 1 16 ? -6.575  -1.976  -4.071  1.00 5.23  ? 15  PRO A N   1 
ATOM   125 C  CA  . PRO A 1 16 ? -7.497  -0.830  -4.382  1.00 6.00  ? 15  PRO A CA  1 
ATOM   126 C  C   . PRO A 1 16 ? -8.961  -1.190  -4.290  1.00 5.42  ? 15  PRO A C   1 
ATOM   127 O  O   . PRO A 1 16 ? -9.762  -0.347  -3.787  1.00 6.48  ? 15  PRO A O   1 
ATOM   128 C  CB  . PRO A 1 16 ? -7.087  -0.379  -5.772  1.00 5.21  ? 15  PRO A CB  1 
ATOM   129 C  CG  . PRO A 1 16 ? -5.628  -0.797  -5.812  1.00 7.08  ? 15  PRO A CG  1 
ATOM   130 C  CD  . PRO A 1 16 ? -5.518  -2.147  -5.064  1.00 5.48  ? 15  PRO A CD  1 
ATOM   131 N  N   . ALA A 1 17 ? -9.307  -2.422  -4.683  1.00 6.32  ? 16  ALA A N   1 
ATOM   132 C  CA  . ALA A 1 17 ? -10.710 -2.874  -4.680  1.00 6.60  ? 16  ALA A CA  1 
ATOM   133 C  C   . ALA A 1 17 ? -11.320 -2.853  -3.325  1.00 5.88  ? 16  ALA A C   1 
ATOM   134 O  O   . ALA A 1 17 ? -12.569 -2.720  -3.141  1.00 8.97  ? 16  ALA A O   1 
ATOM   135 C  CB  . ALA A 1 17 ? -10.821 -4.298  -5.292  1.00 9.29  ? 16  ALA A CB  1 
ATOM   136 N  N   . GLU A 1 18 ? -10.527 -2.971  -2.256  1.00 5.46  ? 17  GLU A N   1 
ATOM   137 C  CA  . GLU A 1 18 ? -11.023 -2.940  -0.890  1.00 6.67  ? 17  GLU A CA  1 
ATOM   138 C  C   . GLU A 1 18 ? -11.090 -1.546  -0.303  1.00 6.39  ? 17  GLU A C   1 
ATOM   139 O  O   . GLU A 1 18 ? -11.467 -1.302  0.860   1.00 8.14  ? 17  GLU A O   1 
ATOM   140 C  CB  . GLU A 1 18 ? -10.028 -3.782  -0.038  1.00 7.83  ? 17  GLU A CB  1 
ATOM   141 C  CG  . GLU A 1 18 ? -10.139 -5.257  -0.362  1.00 9.75  ? 17  GLU A CG  1 
ATOM   142 C  CD  . GLU A 1 18 ? -9.058  -6.126  0.263   1.00 16.73 ? 17  GLU A CD  1 
ATOM   143 O  OE1 . GLU A 1 18 ? -9.197  -7.357  0.107   1.00 17.03 ? 17  GLU A OE1 1 
ATOM   144 O  OE2 . GLU A 1 18 ? -8.251  -5.634  1.089   1.00 13.63 ? 17  GLU A OE2 1 
ATOM   145 N  N   . HIS A 1 19 ? -10.674 -0.555  -1.111  1.00 6.09  ? 18  HIS A N   1 
ATOM   146 C  CA  . HIS A 1 19 ? -10.643 0.836   -0.652  1.00 4.89  ? 18  HIS A CA  1 
ATOM   147 C  C   . HIS A 1 19 ? -11.298 1.770   -1.696  1.00 4.83  ? 18  HIS A C   1 
ATOM   148 O  O   . HIS A 1 19 ? -10.704 2.747   -2.164  1.00 4.96  ? 18  HIS A O   1 
ATOM   149 C  CB  . HIS A 1 19 ? -9.212  1.308   -0.403  1.00 6.89  ? 18  HIS A CB  1 
ATOM   150 C  CG  . HIS A 1 19 ? -8.478  0.397   0.565   1.00 6.46  ? 18  HIS A CG  1 
ATOM   151 N  ND1 . HIS A 1 19 ? -8.693  0.529   1.922   1.00 10.28 ? 18  HIS A ND1 1 
ATOM   152 C  CD2 . HIS A 1 19 ? -7.745  -0.726  0.309   1.00 7.15  ? 18  HIS A CD2 1 
ATOM   153 C  CE1 . HIS A 1 19 ? -7.900  -0.430  2.503   1.00 10.71 ? 18  HIS A CE1 1 
ATOM   154 N  NE2 . HIS A 1 19 ? -7.393  -1.168  1.550   1.00 9.75  ? 18  HIS A NE2 1 
ATOM   155 N  N   . ASP A 1 20 ? -12.466 1.332   -2.151  1.00 5.55  ? 26  ASP A N   1 
ATOM   156 C  CA  . ASP A 1 20 ? -13.280 2.153   -3.104  1.00 4.43  ? 26  ASP A CA  1 
ATOM   157 C  C   . ASP A 1 20 ? -12.507 2.431   -4.375  1.00 5.66  ? 26  ASP A C   1 
ATOM   158 O  O   . ASP A 1 20 ? -12.693 3.586   -4.935  1.00 5.73  ? 26  ASP A O   1 
ATOM   159 C  CB  . ASP A 1 20 ? -13.755 3.444   -2.387  1.00 4.83  ? 26  ASP A CB  1 
ATOM   160 C  CG  . ASP A 1 20 ? -14.639 3.142   -1.209  1.00 7.62  ? 26  ASP A CG  1 
ATOM   161 O  OD1 . ASP A 1 20 ? -15.808 2.689   -1.411  1.00 11.04 ? 26  ASP A OD1 1 
ATOM   162 O  OD2 . ASP A 1 20 ? -14.222 3.274   -0.037  1.00 8.80  ? 26  ASP A OD2 1 
ATOM   163 N  N   . ASN A 1 21 ? -11.620 1.528   -4.798  1.00 3.14  ? 27  ASN A N   1 
ATOM   164 C  CA  . ASN A 1 21 ? -10.907 1.674   -6.064  1.00 5.26  ? 27  ASN A CA  1 
ATOM   165 C  C   . ASN A 1 21 ? -9.925  2.876   -6.056  1.00 5.50  ? 27  ASN A C   1 
ATOM   166 O  O   . ASN A 1 21 ? -9.564  3.337   -7.132  1.00 7.48  ? 27  ASN A O   1 
ATOM   167 C  CB  . ASN A 1 21 ? -11.837 1.792   -7.312  1.00 6.99  ? 27  ASN A CB  1 
ATOM   168 C  CG  . ASN A 1 21 ? -12.456 0.461   -7.713  1.00 11.76 ? 27  ASN A CG  1 
ATOM   169 O  OD1 . ASN A 1 21 ? -13.222 0.419   -8.708  1.00 17.37 ? 27  ASN A OD1 1 
ATOM   170 N  ND2 . ASN A 1 21 ? -12.040 -0.616  -7.136  1.00 11.17 ? 27  ASN A ND2 1 
ATOM   171 N  N   . VAL A 1 22 ? -9.435  3.223   -4.863  1.00 5.08  ? 28  VAL A N   1 
ATOM   172 C  CA  . VAL A 1 22 ? -8.383  4.253   -4.765  1.00 4.82  ? 28  VAL A CA  1 
ATOM   173 C  C   . VAL A 1 22 ? -7.062  3.527   -5.047  1.00 3.72  ? 28  VAL A C   1 
ATOM   174 O  O   . VAL A 1 22 ? -6.589  2.663   -4.247  1.00 5.22  ? 28  VAL A O   1 
ATOM   175 C  CB  . VAL A 1 22 ? -8.398  4.889   -3.377  1.00 5.45  ? 28  VAL A CB  1 
ATOM   176 C  CG1 . VAL A 1 22 ? -7.179  5.816   -3.206  1.00 5.85  ? 28  VAL A CG1 1 
ATOM   177 C  CG2 . VAL A 1 22 ? -9.715  5.640   -3.130  1.00 4.80  ? 28  VAL A CG2 1 
ATOM   178 N  N   . PRO A 1 23 ? -6.429  3.885   -6.151  1.00 3.82  ? 29  PRO A N   1 
ATOM   179 C  CA  . PRO A 1 23 ? -5.145  3.266   -6.494  1.00 4.93  ? 29  PRO A CA  1 
ATOM   180 C  C   . PRO A 1 23 ? -4.040  3.622   -5.533  1.00 4.84  ? 29  PRO A C   1 
ATOM   181 O  O   . PRO A 1 23 ? -4.049  4.685   -4.909  1.00 5.95  ? 29  PRO A O   1 
ATOM   182 C  CB  . PRO A 1 23 ? -4.839  3.723   -7.936  1.00 6.24  ? 29  PRO A CB  1 
ATOM   183 C  CG  . PRO A 1 23 ? -5.609  5.003   -8.023  1.00 7.03  ? 29  PRO A CG  1 
ATOM   184 C  CD  . PRO A 1 23 ? -6.811  4.966   -7.084  1.00 5.04  ? 29  PRO A CD  1 
ATOM   185 N  N   . PHE A 1 24 ? -3.010  2.816   -5.408  1.00 4.50  ? 30  PHE A N   1 
ATOM   186 C  CA  . PHE A 1 24 ? -1.855  3.029   -4.548  1.00 4.53  ? 30  PHE A CA  1 
ATOM   187 C  C   . PHE A 1 24 ? -1.200  4.390   -4.924  1.00 5.62  ? 30  PHE A C   1 
ATOM   188 O  O   . PHE A 1 24 ? -0.692  5.039   -3.989  1.00 6.23  ? 30  PHE A O   1 
ATOM   189 C  CB  . PHE A 1 24 ? -0.890  1.841   -4.680  1.00 5.00  ? 30  PHE A CB  1 
ATOM   190 C  CG  . PHE A 1 24 ? 0.124   1.764   -3.577  1.00 5.12  ? 30  PHE A CG  1 
ATOM   191 C  CD1 . PHE A 1 24 ? 1.486   1.900   -3.956  1.00 7.79  ? 30  PHE A CD1 1 
ATOM   192 C  CD2 . PHE A 1 24 ? -0.260  1.502   -2.277  1.00 6.75  ? 30  PHE A CD2 1 
ATOM   193 C  CE1 . PHE A 1 24 ? 2.474   1.776   -2.966  1.00 8.34  ? 30  PHE A CE1 1 
ATOM   194 C  CE2 . PHE A 1 24 ? 0.722   1.391   -1.257  1.00 7.40  ? 30  PHE A CE2 1 
ATOM   195 C  CZ  . PHE A 1 24 ? 2.084   1.520   -1.675  1.00 7.16  ? 30  PHE A CZ  1 
ATOM   196 N  N   . ASP A 1 25 ? -1.206  4.701   -6.219  1.00 4.86  ? 31  ASP A N   1 
ATOM   197 C  CA  . ASP A 1 25 ? -0.490  5.968   -6.614  1.00 7.79  ? 31  ASP A CA  1 
ATOM   198 C  C   . ASP A 1 25 ? -1.239  7.236   -6.202  1.00 9.06  ? 31  ASP A C   1 
ATOM   199 O  O   . ASP A 1 25 ? -0.696  8.355   -6.423  1.00 12.53 ? 31  ASP A O   1 
ATOM   200 C  CB  . ASP A 1 25 ? -0.100  5.888   -8.083  1.00 9.56  ? 31  ASP A CB  1 
ATOM   201 C  CG  . ASP A 1 25 ? -1.247  5.764   -9.058  1.00 12.49 ? 31  ASP A CG  1 
ATOM   202 O  OD1 . ASP A 1 25 ? -1.073  5.616   -10.297 1.00 12.77 ? 31  ASP A OD1 1 
ATOM   203 O  OD2 . ASP A 1 25 ? -2.402  5.908   -8.561  1.00 13.86 ? 31  ASP A OD2 1 
ATOM   204 N  N   . GLN A 1 26 ? -2.444  7.145   -5.656  1.00 6.55  ? 32  GLN A N   1 
ATOM   205 C  CA  . GLN A 1 26 ? -3.162  8.338   -5.201  1.00 7.65  ? 32  GLN A CA  1 
ATOM   206 C  C   . GLN A 1 26 ? -2.933  8.562   -3.723  1.00 7.61  ? 32  GLN A C   1 
ATOM   207 O  O   . GLN A 1 26 ? -3.494  9.542   -3.129  1.00 10.29 ? 32  GLN A O   1 
ATOM   208 C  CB  . GLN A 1 26 ? -4.658  8.158   -5.582  1.00 7.67  ? 32  GLN A CB  1 
ATOM   209 C  CG  . GLN A 1 26 ? -5.329  9.541   -5.536  1.00 14.23 ? 32  GLN A CG  1 
ATOM   210 C  CD  A GLN A 1 26 ? -6.855  9.443   -5.698  0.50 6.44  ? 32  GLN A CD  1 
ATOM   211 C  CD  B GLN A 1 26 ? -6.316  9.668   -6.675  0.50 17.80 ? 32  GLN A CD  1 
ATOM   212 O  OE1 A GLN A 1 26 ? -7.401  8.471   -6.194  0.50 4.07  ? 32  GLN A OE1 1 
ATOM   213 O  OE1 B GLN A 1 26 ? -6.528  8.730   -7.428  0.50 21.42 ? 32  GLN A OE1 1 
ATOM   214 N  NE2 A GLN A 1 26 ? -7.530  10.541  -5.332  0.50 6.08  ? 32  GLN A NE2 1 
ATOM   215 N  NE2 B GLN A 1 26 ? -6.988  10.804  -6.616  0.50 20.30 ? 32  GLN A NE2 1 
ATOM   216 N  N   . LEU A 1 27 ? -2.340  7.596   -2.975  1.00 5.66  ? 33  LEU A N   1 
ATOM   217 C  CA  . LEU A 1 27 ? -2.154  7.777   -1.545  1.00 5.76  ? 33  LEU A CA  1 
ATOM   218 C  C   . LEU A 1 27 ? -1.085  8.898   -1.276  1.00 5.91  ? 33  LEU A C   1 
ATOM   219 O  O   . LEU A 1 27 ? -0.139  9.063   -2.007  1.00 6.69  ? 33  LEU A O   1 
ATOM   220 C  CB  . LEU A 1 27 ? -1.712  6.447   -0.888  1.00 6.73  ? 33  LEU A CB  1 
ATOM   221 C  CG  . LEU A 1 27 ? -2.691  5.273   -1.091  1.00 8.08  ? 33  LEU A CG  1 
ATOM   222 C  CD1 . LEU A 1 27 ? -2.015  4.006   -0.554  1.00 7.42  ? 33  LEU A CD1 1 
ATOM   223 C  CD2 . LEU A 1 27 ? -3.976  5.624   -0.367  1.00 9.86  ? 33  LEU A CD2 1 
ATOM   224 N  N   . PRO A 1 28 ? -1.293  9.632   -0.169  1.00 6.86  ? 34  PRO A N   1 
ATOM   225 C  CA  . PRO A 1 28 ? -0.452  10.812  0.096   1.00 6.22  ? 34  PRO A CA  1 
ATOM   226 C  C   . PRO A 1 28 ? 0.969   10.423  0.385   1.00 7.63  ? 34  PRO A C   1 
ATOM   227 O  O   . PRO A 1 28 ? 1.281   9.278   0.804   1.00 6.18  ? 34  PRO A O   1 
ATOM   228 C  CB  . PRO A 1 28 ? -1.147  11.522  1.272   1.00 5.82  ? 34  PRO A CB  1 
ATOM   229 C  CG  . PRO A 1 28 ? -2.128  10.518  1.831   1.00 10.21 ? 34  PRO A CG  1 
ATOM   230 C  CD  . PRO A 1 28 ? -2.480  9.573   0.707   1.00 6.64  ? 34  PRO A CD  1 
ATOM   231 N  N   . ASP A 1 29 ? 1.866   11.412  0.269   1.00 5.90  ? 35  ASP A N   1 
ATOM   232 C  CA  . ASP A 1 29 ? 3.282   11.195  0.642   1.00 8.90  ? 35  ASP A CA  1 
ATOM   233 C  C   . ASP A 1 29 ? 3.337   10.832  2.128   1.00 9.47  ? 35  ASP A C   1 
ATOM   234 O  O   . ASP A 1 29 ? 4.324   10.104  2.426   1.00 13.62 ? 35  ASP A O   1 
ATOM   235 C  CB  . ASP A 1 29 ? 4.123   12.476  0.440   1.00 11.53 ? 35  ASP A CB  1 
ATOM   236 C  CG  . ASP A 1 29 ? 4.310   12.906  -0.968  1.00 16.29 ? 35  ASP A CG  1 
ATOM   237 O  OD1 . ASP A 1 29 ? 3.953   12.125  -1.865  1.00 19.60 ? 35  ASP A OD1 1 
ATOM   238 O  OD2 . ASP A 1 29 ? 4.723   14.128  -1.102  1.00 20.43 ? 35  ASP A OD2 1 
ATOM   239 N  N   . ASP A 1 30 ? 2.438   11.242  2.980   1.00 10.47 ? 36  ASP A N   1 
ATOM   240 C  CA  . ASP A 1 30 ? 2.640   10.915  4.398   1.00 11.51 ? 36  ASP A CA  1 
ATOM   241 C  C   . ASP A 1 30 ? 1.947   9.595   4.759   1.00 11.55 ? 36  ASP A C   1 
ATOM   242 O  O   . ASP A 1 30 ? 1.881   9.291   5.958   1.00 11.90 ? 36  ASP A O   1 
ATOM   243 C  CB  . ASP A 1 30 ? 2.250   12.134  5.272   1.00 12.66 ? 36  ASP A CB  1 
ATOM   244 C  CG  . ASP A 1 30 ? 0.769   12.372  5.251   1.00 15.90 ? 36  ASP A CG  1 
ATOM   245 O  OD1 . ASP A 1 30 ? -0.018  11.794  4.465   1.00 17.79 ? 36  ASP A OD1 1 
ATOM   246 O  OD2 . ASP A 1 30 ? 0.345   13.362  5.904   1.00 18.95 ? 36  ASP A OD2 1 
ATOM   247 N  N   . TRP A 1 31 ? 1.320   8.880   3.847   1.00 10.05 ? 37  TRP A N   1 
ATOM   248 C  CA  . TRP A 1 31 ? 0.659   7.607   4.098   1.00 7.73  ? 37  TRP A CA  1 
ATOM   249 C  C   . TRP A 1 31 ? 1.732   6.582   4.543   1.00 8.15  ? 37  TRP A C   1 
ATOM   250 O  O   . TRP A 1 31 ? 2.839   6.568   4.000   1.00 9.07  ? 37  TRP A O   1 
ATOM   251 C  CB  . TRP A 1 31 ? 0.099   7.025   2.800   1.00 7.75  ? 37  TRP A CB  1 
ATOM   252 C  CG  . TRP A 1 31 ? -0.768  5.815   3.001   1.00 7.15  ? 37  TRP A CG  1 
ATOM   253 C  CD1 . TRP A 1 31 ? -2.110  5.793   3.299   1.00 7.13  ? 37  TRP A CD1 1 
ATOM   254 C  CD2 . TRP A 1 31 ? -0.349  4.434   2.883   1.00 6.39  ? 37  TRP A CD2 1 
ATOM   255 N  NE1 . TRP A 1 31 ? -2.579  4.497   3.355   1.00 8.89  ? 37  TRP A NE1 1 
ATOM   256 C  CE2 . TRP A 1 31 ? -1.509  3.646   3.043   1.00 8.35  ? 37  TRP A CE2 1 
ATOM   257 C  CE3 . TRP A 1 31 ? 0.890   3.867   2.524   1.00 7.68  ? 37  TRP A CE3 1 
ATOM   258 C  CZ2 . TRP A 1 31 ? -1.462  2.213   3.048   1.00 6.94  ? 37  TRP A CZ2 1 
ATOM   259 C  CZ3 . TRP A 1 31 ? 0.922   2.470   2.437   1.00 6.58  ? 37  TRP A CZ3 1 
ATOM   260 C  CH2 . TRP A 1 31 ? -0.252  1.704   2.640   1.00 7.45  ? 37  TRP A CH2 1 
ATOM   261 N  N   . CYS A 1 32 ? 1.343   5.752   5.523   1.00 6.55  ? 38  CYS A N   1 
ATOM   262 C  CA  . CYS A 1 32 ? 2.304   4.655   5.847   1.00 8.77  ? 38  CYS A CA  1 
ATOM   263 C  C   . CYS A 1 32 ? 1.507   3.373   6.057   1.00 6.93  ? 38  CYS A C   1 
ATOM   264 O  O   . CYS A 1 32 ? 0.311   3.387   6.219   1.00 6.96  ? 38  CYS A O   1 
ATOM   265 C  CB  . CYS A 1 32 ? 3.028   4.906   7.146   1.00 8.57  ? 38  CYS A CB  1 
ATOM   266 S  SG  A CYS A 1 32 ? 3.865   6.475   7.319   0.50 12.53 ? 38  CYS A SG  1 
ATOM   267 S  SG  B CYS A 1 32 ? 1.963   5.135   8.493   0.50 14.49 ? 38  CYS A SG  1 
ATOM   268 N  N   . CYS A 1 33 ? 2.274   2.303   5.969   1.00 6.44  ? 39  CYS A N   1 
ATOM   269 C  CA  . CYS A 1 33 ? 1.671   0.960   6.173   1.00 4.52  ? 39  CYS A CA  1 
ATOM   270 C  C   . CYS A 1 33 ? 0.869   1.029   7.445   1.00 5.11  ? 39  CYS A C   1 
ATOM   271 O  O   . CYS A 1 33 ? 1.425   1.300   8.534   1.00 5.69  ? 39  CYS A O   1 
ATOM   272 C  CB  . CYS A 1 33 ? 2.834   -0.033  6.228   1.00 3.68  ? 39  CYS A CB  1 
ATOM   273 S  SG  . CYS A 1 33 ? 2.153   -1.723  6.490   1.00 4.95  ? 39  CYS A SG  1 
ATOM   274 N  N   . PRO A 1 34 ? -0.348  0.476   7.395   1.00 5.84  ? 40  PRO A N   1 
ATOM   275 C  CA  . PRO A 1 34 ? -1.210  0.559   8.605   1.00 6.56  ? 40  PRO A CA  1 
ATOM   276 C  C   . PRO A 1 34 ? -0.843  -0.470  9.632   1.00 8.59  ? 40  PRO A C   1 
ATOM   277 O  O   . PRO A 1 34 ? -1.287  -0.413  10.770  1.00 11.23 ? 40  PRO A O   1 
ATOM   278 C  CB  . PRO A 1 34 ? -2.637  0.456   8.074   1.00 7.78  ? 40  PRO A CB  1 
ATOM   279 C  CG  . PRO A 1 34 ? -2.462  -0.214  6.761   1.00 9.78  ? 40  PRO A CG  1 
ATOM   280 C  CD  . PRO A 1 34 ? -1.091  0.189   6.156   1.00 6.66  ? 40  PRO A CD  1 
ATOM   281 N  N   . VAL A 1 35 ? 0.004   -1.421  9.250   1.00 6.69  ? 41  VAL A N   1 
ATOM   282 C  CA  . VAL A 1 35 ? 0.419   -2.448  10.223  1.00 7.30  ? 41  VAL A CA  1 
ATOM   283 C  C   . VAL A 1 35 ? 1.791   -2.119  10.833  1.00 6.59  ? 41  VAL A C   1 
ATOM   284 O  O   . VAL A 1 35 ? 1.926   -2.251  12.076  1.00 9.63  ? 41  VAL A O   1 
ATOM   285 C  CB  . VAL A 1 35 ? 0.389   -3.840  9.514   1.00 7.41  ? 41  VAL A CB  1 
ATOM   286 C  CG1 . VAL A 1 35 ? 1.013   -4.912  10.403  1.00 8.65  ? 41  VAL A CG1 1 
ATOM   287 C  CG2 . VAL A 1 35 ? -1.042  -4.133  9.001   1.00 8.40  ? 41  VAL A CG2 1 
ATOM   288 N  N   . CYS A 1 36 ? 2.745   -1.711  9.994   1.00 4.85  ? 42  CYS A N   1 
ATOM   289 C  CA  . CYS A 1 36 ? 4.101   -1.594  10.522  1.00 4.70  ? 42  CYS A CA  1 
ATOM   290 C  C   . CYS A 1 36 ? 4.643   -0.131  10.436  1.00 6.24  ? 42  CYS A C   1 
ATOM   291 O  O   . CYS A 1 36 ? 5.815   0.065   10.859  1.00 7.40  ? 42  CYS A O   1 
ATOM   292 C  CB  . CYS A 1 36 ? 5.067   -2.574  9.863   1.00 6.20  ? 42  CYS A CB  1 
ATOM   293 S  SG  . CYS A 1 36 ? 5.526   -2.170  8.187   1.00 6.17  ? 42  CYS A SG  1 
ATOM   294 N  N   . GLY A 1 37 ? 3.924   0.761   9.700   1.00 4.79  ? 43  GLY A N   1 
ATOM   295 C  CA  . GLY A 1 37 ? 4.382   2.159   9.673   1.00 5.34  ? 43  GLY A CA  1 
ATOM   296 C  C   . GLY A 1 37 ? 5.418   2.533   8.631   1.00 5.66  ? 43  GLY A C   1 
ATOM   297 O  O   . GLY A 1 37 ? 5.740   3.751   8.556   1.00 7.20  ? 43  GLY A O   1 
ATOM   298 N  N   . VAL A 1 38 ? 5.905   1.641   7.766   1.00 6.08  ? 44  VAL A N   1 
ATOM   299 C  CA  . VAL A 1 38 ? 6.890   2.081   6.747   1.00 5.60  ? 44  VAL A CA  1 
ATOM   300 C  C   . VAL A 1 38 ? 6.180   2.885   5.650   1.00 6.08  ? 44  VAL A C   1 
ATOM   301 O  O   . VAL A 1 38 ? 4.957   2.853   5.450   1.00 6.70  ? 44  VAL A O   1 
ATOM   302 C  CB  . VAL A 1 38 ? 7.655   0.890   6.107   1.00 6.70  ? 44  VAL A CB  1 
ATOM   303 C  CG1 . VAL A 1 38 ? 8.456   0.101   7.146   1.00 9.42  ? 44  VAL A CG1 1 
ATOM   304 C  CG2 . VAL A 1 38 ? 6.724   -0.044  5.308   1.00 6.50  ? 44  VAL A CG2 1 
ATOM   305 N  N   . SER A 1 39 ? 6.976   3.652   4.930   1.00 5.91  ? 45  SER A N   1 
ATOM   306 C  CA  . SER A 1 39 ? 6.459   4.453   3.793   1.00 7.53  ? 45  SER A CA  1 
ATOM   307 C  C   . SER A 1 39 ? 6.255   3.639   2.535   1.00 5.95  ? 45  SER A C   1 
ATOM   308 O  O   . SER A 1 39 ? 6.688   2.479   2.421   1.00 6.35  ? 45  SER A O   1 
ATOM   309 C  CB  . SER A 1 39 ? 7.446   5.629   3.557   1.00 9.32  ? 45  SER A CB  1 
ATOM   310 O  OG  . SER A 1 39 ? 7.410   6.492   4.721   1.00 11.41 ? 45  SER A OG  1 
ATOM   311 N  N   . LYS A 1 40 ? 5.613   4.299   1.547   1.00 6.55  ? 46  LYS A N   1 
ATOM   312 C  CA  . LYS A 1 40 ? 5.280   3.611   0.290   1.00 6.86  ? 46  LYS A CA  1 
ATOM   313 C  C   . LYS A 1 40 ? 6.475   3.076   -0.441  1.00 6.90  ? 46  LYS A C   1 
ATOM   314 O  O   . LYS A 1 40 ? 6.308   2.063   -1.166  1.00 7.52  ? 46  LYS A O   1 
ATOM   315 C  CB  . LYS A 1 40 ? 4.487   4.536   -0.684  1.00 7.40  ? 46  LYS A CB  1 
ATOM   316 C  CG  . LYS A 1 40 ? 3.076   4.805   -0.122  1.00 10.18 ? 46  LYS A CG  1 
ATOM   317 C  CD  A LYS A 1 40 ? 2.389   6.042   -0.754  0.50 13.59 ? 46  LYS A CD  1 
ATOM   318 C  CD  B LYS A 1 40 ? 2.294   5.631   -1.212  0.50 10.69 ? 46  LYS A CD  1 
ATOM   319 C  CE  A LYS A 1 40 ? 2.264   5.926   -2.230  0.50 7.97  ? 46  LYS A CE  1 
ATOM   320 C  CE  B LYS A 1 40 ? 2.918   7.030   -1.084  0.50 7.34  ? 46  LYS A CE  1 
ATOM   321 N  NZ  A LYS A 1 40 ? 1.490   6.971   -2.973  0.50 9.70  ? 46  LYS A NZ  1 
ATOM   322 N  NZ  B LYS A 1 40 ? 2.342   7.994   -2.050  0.50 12.97 ? 46  LYS A NZ  1 
ATOM   323 N  N   . ASP A 1 41 ? 7.672   3.621   -0.220  1.00 5.37  ? 47  ASP A N   1 
ATOM   324 C  CA  . ASP A 1 41 ? 8.843   3.112   -0.946  1.00 6.49  ? 47  ASP A CA  1 
ATOM   325 C  C   . ASP A 1 41 ? 9.230   1.710   -0.467  1.00 5.42  ? 47  ASP A C   1 
ATOM   326 O  O   . ASP A 1 41 ? 10.128  1.113   -1.097  1.00 8.34  ? 47  ASP A O   1 
ATOM   327 C  CB  . ASP A 1 41 ? 10.007  4.136   -0.816  1.00 5.00  ? 47  ASP A CB  1 
ATOM   328 C  CG  . ASP A 1 41 ? 10.635  4.169   0.552   1.00 8.02  ? 47  ASP A CG  1 
ATOM   329 O  OD1 . ASP A 1 41 ? 11.856  4.506   0.576   1.00 9.58  ? 47  ASP A OD1 1 
ATOM   330 O  OD2 . ASP A 1 41 ? 9.890   4.089   1.552   1.00 8.90  ? 47  ASP A OD2 1 
ATOM   331 N  N   . GLN A 1 42 ? 8.625   1.162   0.571   1.00 5.02  ? 48  GLN A N   1 
ATOM   332 C  CA  . GLN A 1 42 ? 8.999   -0.208  1.014   1.00 4.99  ? 48  GLN A CA  1 
ATOM   333 C  C   . GLN A 1 42 ? 7.873   -1.230  0.619   1.00 5.91  ? 48  GLN A C   1 
ATOM   334 O  O   . GLN A 1 42 ? 7.717   -2.250  1.296   1.00 7.85  ? 48  GLN A O   1 
ATOM   335 C  CB  . GLN A 1 42 ? 9.314   -0.279  2.513   1.00 6.39  ? 48  GLN A CB  1 
ATOM   336 C  CG  . GLN A 1 42 ? 10.667  0.460   2.735   1.00 10.10 ? 48  GLN A CG  1 
ATOM   337 C  CD  . GLN A 1 42 ? 11.261  0.102   4.076   1.00 19.10 ? 48  GLN A CD  1 
ATOM   338 O  OE1 . GLN A 1 42 ? 11.274  0.880   5.050   1.00 18.76 ? 48  GLN A OE1 1 
ATOM   339 N  NE2 . GLN A 1 42 ? 11.668  -1.182  4.159   1.00 17.75 ? 48  GLN A NE2 1 
ATOM   340 N  N   . PHE A 1 43 ? 7.147   -0.852  -0.437  1.00 4.78  ? 49  PHE A N   1 
ATOM   341 C  CA  . PHE A 1 43 ? 6.091   -1.754  -0.963  1.00 4.58  ? 49  PHE A CA  1 
ATOM   342 C  C   . PHE A 1 43 ? 6.555   -2.255  -2.326  1.00 6.51  ? 49  PHE A C   1 
ATOM   343 O  O   . PHE A 1 43 ? 7.313   -1.600  -3.066  1.00 7.81  ? 49  PHE A O   1 
ATOM   344 C  CB  . PHE A 1 43 ? 4.744   -1.035  -1.128  1.00 4.40  ? 49  PHE A CB  1 
ATOM   345 C  CG  . PHE A 1 43 ? 3.997   -0.972  0.176   1.00 3.36  ? 49  PHE A CG  1 
ATOM   346 C  CD1 . PHE A 1 43 ? 4.514   -0.165  1.196   1.00 5.23  ? 49  PHE A CD1 1 
ATOM   347 C  CD2 . PHE A 1 43 ? 2.801   -1.684  0.337   1.00 4.26  ? 49  PHE A CD2 1 
ATOM   348 C  CE1 . PHE A 1 43 ? 3.781   -0.054  2.389   1.00 4.82  ? 49  PHE A CE1 1 
ATOM   349 C  CE2 . PHE A 1 43 ? 2.077   -1.605  1.525   1.00 5.22  ? 49  PHE A CE2 1 
ATOM   350 C  CZ  . PHE A 1 43 ? 2.553   -0.749  2.552   1.00 6.76  ? 49  PHE A CZ  1 
ATOM   351 N  N   . SER A 1 44 ? 6.059   -3.408  -2.717  1.00 5.00  ? 50  SER A N   1 
ATOM   352 C  CA  . SER A 1 44 ? 6.329   -4.002  -4.029  1.00 4.19  ? 50  SER A CA  1 
ATOM   353 C  C   . SER A 1 44 ? 5.012   -4.364  -4.735  1.00 3.75  ? 50  SER A C   1 
ATOM   354 O  O   . SER A 1 44 ? 4.091   -4.737  -4.028  1.00 3.65  ? 50  SER A O   1 
ATOM   355 C  CB  . SER A 1 44 ? 7.089   -5.358  -3.922  1.00 7.84  ? 50  SER A CB  1 
ATOM   356 O  OG  . SER A 1 44 ? 8.351   -5.189  -3.281  1.00 7.25  ? 50  SER A OG  1 
ATOM   357 N  N   . PRO A 1 45 ? 5.014   -4.270  -6.043  1.00 5.16  ? 51  PRO A N   1 
ATOM   358 C  CA  . PRO A 1 45 ? 3.813   -4.708  -6.811  1.00 4.71  ? 51  PRO A CA  1 
ATOM   359 C  C   . PRO A 1 45 ? 3.601   -6.205  -6.529  1.00 5.82  ? 51  PRO A C   1 
ATOM   360 O  O   . PRO A 1 45 ? 4.608   -6.957  -6.544  1.00 7.45  ? 51  PRO A O   1 
ATOM   361 C  CB  . PRO A 1 45 ? 4.056   -4.407  -8.267  1.00 5.58  ? 51  PRO A CB  1 
ATOM   362 C  CG  . PRO A 1 45 ? 5.463   -3.864  -8.327  1.00 8.44  ? 51  PRO A CG  1 
ATOM   363 C  CD  . PRO A 1 45 ? 6.070   -3.850  -6.943  1.00 5.84  ? 51  PRO A CD  1 
ATOM   364 N  N   . ALA A 1 46 ? 2.361   -6.616  -6.413  1.00 5.85  ? 52  ALA A N   1 
ATOM   365 C  CA  . ALA A 1 46 ? 2.141   -8.046  -6.065  1.00 7.47  ? 52  ALA A CA  1 
ATOM   366 C  C   . ALA A 1 46 ? 0.770   -8.546  -6.551  1.00 8.18  ? 52  ALA A C   1 
ATOM   367 O  O   . ALA A 1 46 ? 0.486   -9.724  -6.220  1.00 6.91  ? 52  ALA A O   1 
ATOM   368 C  CB  . ALA A 1 46 ? 2.264   -8.290  -4.548  1.00 10.63 ? 52  ALA A CB  1 
ATOM   369 O  OXT . ALA A 1 46 ? 0.159   -7.744  -7.292  1.00 8.08  ? 52  ALA A OXT 1 
HETATM 370 FE FE  . FE  B 2 .  ? 4.047   -3.016  6.722   1.00 6.87  ? 53  FE  A FE  1 
HETATM 371 O  O   . HOH C 3 .  ? -2.296  -6.989  -8.522  1.00 9.80  ? 54  HOH A O   1 
HETATM 372 O  O   . HOH C 3 .  ? 13.634  0.221   -4.549  1.00 10.46 ? 55  HOH A O   1 
HETATM 373 O  O   . HOH C 3 .  ? -6.121  -3.629  1.218   1.00 6.52  ? 56  HOH A O   1 
HETATM 374 O  O   . HOH C 3 .  ? 5.202   -9.762  -6.258  1.00 8.33  ? 57  HOH A O   1 
HETATM 375 O  O   . HOH C 3 .  ? 11.569  1.946   -3.670  0.90 11.29 ? 58  HOH A O   1 
HETATM 376 O  O   . HOH C 3 .  ? 6.799   -0.744  -5.829  0.90 18.66 ? 59  HOH A O   1 
HETATM 377 O  O   . HOH C 3 .  ? 9.958   3.530   4.480   1.00 10.97 ? 60  HOH A O   1 
HETATM 378 O  O   . HOH C 3 .  ? 2.544   -0.360  -10.933 0.90 16.28 ? 61  HOH A O   1 
HETATM 379 O  O   . HOH C 3 .  ? -7.242  -5.277  -7.383  0.90 14.37 ? 62  HOH A O   1 
HETATM 380 O  O   . HOH C 3 .  ? 13.386  3.755   -2.720  0.80 15.28 ? 63  HOH A O   1 
HETATM 381 O  O   . HOH C 3 .  ? 11.995  -2.542  1.726   0.60 20.99 ? 64  HOH A O   1 
HETATM 382 O  O   . HOH C 3 .  ? 2.305   -9.188  -16.495 0.60 19.02 ? 65  HOH A O   1 
HETATM 383 O  O   . HOH C 3 .  ? 4.695   7.058   1.940   0.80 12.37 ? 66  HOH A O   1 
HETATM 384 O  O   . HOH C 3 .  ? -8.088  1.616   -13.770 0.80 10.96 ? 67  HOH A O   1 
HETATM 385 O  O   . HOH C 3 .  ? 1.921   -2.510  -12.460 0.80 14.70 ? 68  HOH A O   1 
HETATM 386 O  O   . HOH C 3 .  ? 0.390   1.105   -11.990 0.80 21.33 ? 69  HOH A O   1 
HETATM 387 O  O   . HOH C 3 .  ? -4.905  1.043   3.798   0.80 15.49 ? 70  HOH A O   1 
HETATM 388 O  O   . HOH C 3 .  ? 10.063  -1.285  -2.389  0.80 13.89 ? 71  HOH A O   1 
HETATM 389 O  O   . HOH C 3 .  ? 6.515   9.834   -3.878  0.80 14.37 ? 72  HOH A O   1 
HETATM 390 O  O   . HOH C 3 .  ? 5.167   8.287   4.876   0.80 19.19 ? 73  HOH A O   1 
HETATM 391 O  O   . HOH C 3 .  ? 6.910   -9.868  -3.730  0.80 18.87 ? 74  HOH A O   1 
HETATM 392 O  O   . HOH C 3 .  ? 8.124   -6.224  -16.790 0.80 14.17 ? 75  HOH A O   1 
HETATM 393 O  O   . HOH C 3 .  ? -2.773  3.762   -11.224 0.80 19.11 ? 76  HOH A O   1 
HETATM 394 O  O   . HOH C 3 .  ? -3.572  -0.943  -12.104 0.70 19.65 ? 77  HOH A O   1 
HETATM 395 O  O   . HOH C 3 .  ? -1.761  -14.727 -8.470  0.70 11.04 ? 78  HOH A O   1 
HETATM 396 O  O   . HOH C 3 .  ? 1.341   -11.692 -4.203  0.70 16.50 ? 79  HOH A O   1 
HETATM 397 O  O   . HOH C 3 .  ? 7.264   6.613   -0.738  0.60 13.44 ? 80  HOH A O   1 
HETATM 398 O  O   . HOH C 3 .  ? 12.066  -6.567  0.579   0.60 20.48 ? 81  HOH A O   1 
HETATM 399 O  O   . HOH C 3 .  ? 10.846  -2.991  -14.819 0.50 15.24 ? 82  HOH A O   1 
HETATM 400 O  O   . HOH C 3 .  ? 6.269   8.985   0.292   0.50 16.03 ? 83  HOH A O   1 
HETATM 401 O  O   . HOH C 3 .  ? 7.891   -8.128  -0.820  0.60 22.49 ? 84  HOH A O   1 
HETATM 402 O  O   . HOH C 3 .  ? 16.498  -0.106  -15.064 0.50 15.26 ? 85  HOH A O   1 
HETATM 403 O  O   . HOH C 3 .  ? -3.734  0.944   -9.964  0.60 15.42 ? 86  HOH A O   1 
HETATM 404 O  O   . HOH C 3 .  ? 11.458  -1.523  -12.807 0.70 17.21 ? 87  HOH A O   1 
HETATM 405 O  O   . HOH C 3 .  ? -0.092  -6.763  -17.595 0.50 28.38 ? 88  HOH A O   1 
HETATM 406 O  O   . HOH C 3 .  ? 17.127  -0.786  -11.852 0.50 21.92 ? 89  HOH A O   1 
HETATM 407 O  O   . HOH C 3 .  ? -13.741 -3.507  3.132   0.50 25.97 ? 90  HOH A O   1 
HETATM 408 O  O   . HOH C 3 .  ? 8.874   8.729   -2.232  0.60 17.79 ? 91  HOH A O   1 
HETATM 409 O  O   . HOH C 3 .  ? -5.486  5.105   -11.742 0.70 18.22 ? 92  HOH A O   1 
HETATM 410 O  O   . HOH C 3 .  ? 9.664   0.178   -3.576  0.50 25.60 ? 93  HOH A O   1 
HETATM 411 O  O   . HOH C 3 .  ? 3.863   9.597   -2.563  0.70 22.52 ? 94  HOH A O   1 
HETATM 412 O  O   . HOH C 3 .  ? -3.504  -4.087  -13.250 0.50 22.08 ? 95  HOH A O   1 
HETATM 413 O  O   . HOH C 3 .  ? -0.849  2.105   -8.677  0.70 16.80 ? 96  HOH A O   1 
HETATM 414 O  O   . HOH C 3 .  ? 4.050   -7.725  -17.553 0.50 18.12 ? 97  HOH A O   1 
HETATM 415 O  O   . HOH C 3 .  ? 2.406   -6.115  -12.877 0.50 24.87 ? 98  HOH A O   1 
HETATM 416 O  O   . HOH C 3 .  ? -0.948  -7.333  -11.212 0.60 15.12 ? 99  HOH A O   1 
HETATM 417 O  O   . HOH C 3 .  ? 16.012  1.698   -3.980  0.60 8.80  ? 100 HOH A O   1 
HETATM 418 O  O   . HOH C 3 .  ? 13.477  2.076   -0.261  0.60 14.60 ? 101 HOH A O   1 
HETATM 419 O  O   . HOH C 3 .  ? -1.233  -13.097 -5.050  0.50 21.67 ? 102 HOH A O   1 
HETATM 420 O  O   . HOH C 3 .  ? -3.350  -15.630 -5.837  0.50 36.78 ? 103 HOH A O   1 
HETATM 421 O  O   . HOH C 3 .  ? 15.815  -1.848  -15.110 0.50 18.83 ? 104 HOH A O   1 
HETATM 422 O  O   . HOH C 3 .  ? 14.649  -2.081  -12.663 0.40 23.51 ? 105 HOH A O   1 
HETATM 423 O  O   . HOH C 3 .  ? -1.278  3.655   -8.671  0.50 25.60 ? 106 HOH A O   1 
HETATM 424 O  O   . HOH C 3 .  ? 17.855  1.975   -6.569  0.40 11.30 ? 107 HOH A O   1 
HETATM 425 O  O   . HOH C 3 .  ? 3.378   -11.032 -2.370  0.60 24.87 ? 108 HOH A O   1 
HETATM 426 O  O   . HOH C 3 .  ? 13.370  -2.170  -10.063 0.60 22.14 ? 109 HOH A O   1 
HETATM 427 O  O   . HOH C 3 .  ? 13.089  -3.865  -11.757 0.60 25.70 ? 110 HOH A O   1 
HETATM 428 O  O   . HOH C 3 .  ? 17.478  4.520   -4.982  0.60 19.29 ? 111 HOH A O   1 
HETATM 429 O  O   . HOH C 3 .  ? -11.245 -8.083  1.618   0.60 20.53 ? 112 HOH A O   1 
HETATM 430 O  O   . HOH C 3 .  ? -8.420  -7.072  7.693   1.00 7.23  ? 113 HOH A O   1 
HETATM 431 O  O   . HOH C 3 .  ? -6.727  -9.922  -3.455  0.50 25.77 ? 114 HOH A O   1 
HETATM 432 O  O   . HOH C 3 .  ? 7.153   11.542  12.297  0.50 31.49 ? 115 HOH A O   1 
HETATM 433 O  O   . HOH C 3 .  ? 5.262   13.823  9.896   0.50 38.66 ? 116 HOH A O   1 
HETATM 434 O  O   . HOH C 3 .  ? 5.445   13.138  12.359  0.50 40.50 ? 117 HOH A O   1 
HETATM 435 O  O   . HOH C 3 .  ? 5.613   15.441  13.417  0.50 34.81 ? 118 HOH A O   1 
HETATM 436 O  O   . HOH C 3 .  ? 3.423   13.396  12.528  0.50 30.72 ? 119 HOH A O   1 
HETATM 437 O  O   . HOH C 3 .  ? 5.294   12.547  14.669  0.50 37.04 ? 120 HOH A O   1 
HETATM 438 O  O   . HOH C 3 .  ? 6.222   14.578  8.775   0.50 21.28 ? 121 HOH A O   1 
HETATM 439 O  O   . HOH C 3 .  ? 4.897   13.371  7.423   0.50 20.39 ? 122 HOH A O   1 
HETATM 440 O  O   . HOH C 3 .  ? 14.245  14.819  9.116   0.50 14.97 ? 123 HOH A O   1 
HETATM 441 O  O   . HOH C 3 .  ? 0.953   7.963   12.519  0.50 46.62 ? 124 HOH A O   1 
HETATM 442 O  O   . HOH C 3 .  ? 3.981   17.855  3.047   0.50 18.37 ? 125 HOH A O   1 
HETATM 443 O  O   . HOH C 3 .  ? 20.514  1.114   -11.030 0.50 32.93 ? 126 HOH A O   1 
HETATM 444 O  O   . HOH C 3 .  ? 20.749  2.758   -10.673 0.50 38.60 ? 127 HOH A O   1 
HETATM 445 O  O   . HOH C 3 .  ? 19.632  3.589   -8.128  0.50 36.61 ? 128 HOH A O   1 
HETATM 446 O  O   . HOH C 3 .  ? 18.435  8.968   -8.051  0.50 35.10 ? 129 HOH A O   1 
HETATM 447 O  O   . HOH C 3 .  ? 19.067  10.590  -11.115 0.50 23.19 ? 130 HOH A O   1 
HETATM 448 O  O   . HOH C 3 .  ? 22.857  3.586   -8.706  0.50 34.63 ? 131 HOH A O   1 
HETATM 449 O  O   . HOH C 3 .  ? 21.760  3.890   -7.392  0.50 21.49 ? 132 HOH A O   1 
HETATM 450 O  O   . HOH C 3 .  ? 19.608  11.854  -6.440  0.50 21.60 ? 133 HOH A O   1 
HETATM 451 O  O   . HOH C 3 .  ? -1.352  -4.219  -13.450 0.40 34.89 ? 134 HOH A O   1 
HETATM 452 O  O   . HOH C 3 .  ? 5.693   11.048  -4.738  0.40 19.89 ? 135 HOH A O   1 
HETATM 453 O  O   . HOH C 3 .  ? -4.911  2.803   -11.465 0.40 23.21 ? 136 HOH A O   1 
HETATM 454 O  O   . HOH C 3 .  ? 17.544  1.002   -10.371 0.40 24.61 ? 137 HOH A O   1 
HETATM 455 O  O   . HOH C 3 .  ? 15.911  -2.092  -14.330 0.40 38.25 ? 138 HOH A O   1 
HETATM 456 O  O   . HOH C 3 .  ? 13.459  -3.404  -15.872 0.40 51.96 ? 139 HOH A O   1 
HETATM 457 O  O   . HOH C 3 .  ? 18.058  3.838   -11.904 0.40 29.27 ? 140 HOH A O   1 
HETATM 458 O  O   . HOH C 3 .  ? 19.256  4.217   -9.223  0.40 47.61 ? 141 HOH A O   1 
HETATM 459 O  O   . HOH C 3 .  ? 5.345   -6.313  -18.214 0.30 30.82 ? 142 HOH A O   1 
HETATM 460 O  O   . HOH C 3 .  ? -0.561  -0.200  -14.488 0.25 23.61 ? 143 HOH A O   1 
HETATM 461 O  O   . HOH C 3 .  ? -1.199  -3.518  -15.976 0.30 36.11 ? 144 HOH A O   1 
HETATM 462 O  O   . HOH C 3 .  ? 6.404   -7.761  -18.130 0.30 18.25 ? 145 HOH A O   1 
HETATM 463 O  O   . HOH C 3 .  ? 18.370  2.031   -13.334 0.25 20.71 ? 146 HOH A O   1 
HETATM 464 O  O   . HOH C 3 .  ? -3.788  4.030   -11.383 0.25 7.63  ? 147 HOH A O   1 
HETATM 465 O  O   . HOH C 3 .  ? 12.111  -1.181  -13.451 0.30 12.54 ? 148 HOH A O   1 
HETATM 466 O  O   . HOH C 3 .  ? 5.541   -5.506  -15.988 0.35 13.20 ? 149 HOH A O   1 
HETATM 467 O  O   . HOH C 3 .  ? 12.243  -3.763  -15.177 0.25 27.47 ? 150 HOH A O   1 
HETATM 468 O  O   . HOH C 3 .  ? 10.385  14.347  -5.087  0.30 33.47 ? 151 HOH A O   1 
HETATM 469 O  O   . HOH C 3 .  ? -0.058  -2.338  -13.915 0.30 25.77 ? 152 HOH A O   1 
HETATM 470 O  O   . HOH C 3 .  ? 2.603   -7.583  -16.678 0.25 32.38 ? 153 HOH A O   1 
HETATM 471 O  O   . HOH C 3 .  ? -2.160  -5.636  -15.310 0.30 22.48 ? 154 HOH A O   1 
HETATM 472 O  O   . HOH C 3 .  ? -2.225  1.392   -9.877  0.30 17.52 ? 155 HOH A O   1 
HETATM 473 O  O   . HOH C 3 .  ? -0.068  -7.165  -15.490 0.25 30.37 ? 156 HOH A O   1 
HETATM 474 O  O   . HOH C 3 .  ? 10.150  13.312  -4.420  0.35 29.75 ? 157 HOH A O   1 
HETATM 475 O  O   . HOH C 3 .  ? -4.323  -0.159  -11.005 0.25 15.20 ? 158 HOH A O   1 
HETATM 476 O  O   . HOH C 3 .  ? 11.565  -2.365  -10.648 0.25 20.41 ? 159 HOH A O   1 
HETATM 477 O  O   . HOH C 3 .  ? 0.207   1.092   -9.808  0.30 14.75 ? 160 HOH A O   1 
HETATM 478 O  O   . HOH C 3 .  ? -2.887  -5.725  -13.530 0.25 15.99 ? 161 HOH A O   1 
HETATM 479 O  O   . HOH C 3 .  ? 18.347  3.039   -6.710  0.30 12.21 ? 162 HOH A O   1 
HETATM 480 O  O   . HOH C 3 .  ? 0.180   -7.285  -12.136 0.25 12.98 ? 163 HOH A O   1 
HETATM 481 O  O   . HOH C 3 .  ? 7.461   8.821   -2.884  0.30 17.06 ? 164 HOH A O   1 
HETATM 482 O  O   . HOH C 3 .  ? 11.298  9.258   -1.781  0.25 8.96  ? 165 HOH A O   1 
HETATM 483 O  O   . HOH C 3 .  ? 6.526   7.895   -1.652  0.25 14.08 ? 166 HOH A O   1 
HETATM 484 O  O   . HOH C 3 .  ? 6.971   10.583  1.240   0.35 11.86 ? 167 HOH A O   1 
HETATM 485 O  O   . HOH C 3 .  ? -3.448  -13.180 -6.578  0.30 13.49 ? 168 HOH A O   1 
HETATM 486 O  O   . HOH C 3 .  ? -6.408  -12.068 -4.292  0.30 20.64 ? 169 HOH A O   1 
HETATM 487 O  O   . HOH C 3 .  ? -4.601  -14.151 -5.006  0.25 24.46 ? 170 HOH A O   1 
HETATM 488 O  O   . HOH C 3 .  ? -0.168  -11.246 -3.024  0.25 18.25 ? 171 HOH A O   1 
HETATM 489 O  O   . HOH C 3 .  ? 15.283  -3.779  1.848   0.25 27.47 ? 172 HOH A O   1 
HETATM 490 O  O   . HOH C 3 .  ? -1.766  -16.539 -5.096  0.30 29.00 ? 173 HOH A O   1 
HETATM 491 O  O   . HOH C 3 .  ? 7.383   -8.833  -2.403  0.25 11.45 ? 174 HOH A O   1 
# 
